data_6TZQ
# 
_entry.id   6TZQ 
# 
_audit_conform.dict_name       mmcif_pdbx.dic 
_audit_conform.dict_version    5.380 
_audit_conform.dict_location   http://mmcif.pdb.org/dictionaries/ascii/mmcif_pdbx.dic 
# 
loop_
_database_2.database_id 
_database_2.database_code 
_database_2.pdbx_database_accession 
_database_2.pdbx_DOI 
PDB   6TZQ         pdb_00006tzq 10.2210/pdb6tzq/pdb 
WWPDB D_1000243607 ?            ?                   
# 
_pdbx_database_status.status_code                     REL 
_pdbx_database_status.status_code_sf                  REL 
_pdbx_database_status.status_code_mr                  ? 
_pdbx_database_status.entry_id                        6TZQ 
_pdbx_database_status.recvd_initial_deposition_date   2019-08-13 
_pdbx_database_status.SG_entry                        N 
_pdbx_database_status.deposit_site                    RCSB 
_pdbx_database_status.process_site                    RCSB 
_pdbx_database_status.status_code_cs                  ? 
_pdbx_database_status.methods_development_category    ? 
_pdbx_database_status.pdb_format_compatible           Y 
_pdbx_database_status.status_code_nmr_data            ? 
# 
loop_
_audit_author.name 
_audit_author.pdbx_ordinal 
_audit_author.identifier_ORCID 
'Chu, B.'          1 0000-0002-9429-8893 
'Paukstelis, P.J.' 2 0000-0001-8536-4361 
# 
_citation.abstract                  ? 
_citation.abstract_id_CAS           ? 
_citation.book_id_ISBN              ? 
_citation.book_publisher            ? 
_citation.book_publisher_city       ? 
_citation.book_title                ? 
_citation.coordinate_linkage        ? 
_citation.country                   UK 
_citation.database_id_Medline       ? 
_citation.details                   ? 
_citation.id                        primary 
_citation.journal_abbrev            'Nucleic Acids Res.' 
_citation.journal_id_ASTM           NARHAD 
_citation.journal_id_CSD            0389 
_citation.journal_id_ISSN           1362-4962 
_citation.journal_full              ? 
_citation.journal_issue             ? 
_citation.journal_volume            47 
_citation.language                  ? 
_citation.page_first                11921 
_citation.page_last                 11930 
_citation.title                     'A DNA G-quadruplex/i-motif hybrid.' 
_citation.year                      2019 
_citation.database_id_CSD           ? 
_citation.pdbx_database_id_DOI      10.1093/nar/gkz1008 
_citation.pdbx_database_id_PubMed   31724696 
_citation.unpublished_flag          ? 
# 
loop_
_citation_author.citation_id 
_citation_author.name 
_citation_author.ordinal 
_citation_author.identifier_ORCID 
primary 'Chu, B.'          1 ? 
primary 'Zhang, D.'        2 ? 
primary 'Paukstelis, P.J.' 3 ? 
# 
_cell.angle_alpha                  90.000 
_cell.angle_alpha_esd              ? 
_cell.angle_beta                   90.000 
_cell.angle_beta_esd               ? 
_cell.angle_gamma                  120.000 
_cell.angle_gamma_esd              ? 
_cell.entry_id                     6TZQ 
_cell.details                      ? 
_cell.formula_units_Z              ? 
_cell.length_a                     37.377 
_cell.length_a_esd                 ? 
_cell.length_b                     37.377 
_cell.length_b_esd                 ? 
_cell.length_c                     98.651 
_cell.length_c_esd                 ? 
_cell.volume                       ? 
_cell.volume_esd                   ? 
_cell.Z_PDB                        12 
_cell.reciprocal_angle_alpha       ? 
_cell.reciprocal_angle_beta        ? 
_cell.reciprocal_angle_gamma       ? 
_cell.reciprocal_angle_alpha_esd   ? 
_cell.reciprocal_angle_beta_esd    ? 
_cell.reciprocal_angle_gamma_esd   ? 
_cell.reciprocal_length_a          ? 
_cell.reciprocal_length_b          ? 
_cell.reciprocal_length_c          ? 
_cell.reciprocal_length_a_esd      ? 
_cell.reciprocal_length_b_esd      ? 
_cell.reciprocal_length_c_esd      ? 
_cell.pdbx_unique_axis             ? 
# 
_symmetry.entry_id                         6TZQ 
_symmetry.cell_setting                     ? 
_symmetry.Int_Tables_number                154 
_symmetry.space_group_name_Hall            ? 
_symmetry.space_group_name_H-M             'P 32 2 1' 
_symmetry.pdbx_full_space_group_name_H-M   ? 
# 
loop_
_entity.id 
_entity.type 
_entity.src_method 
_entity.pdbx_description 
_entity.formula_weight 
_entity.pdbx_number_of_molecules 
_entity.pdbx_ec 
_entity.pdbx_mutation 
_entity.pdbx_fragment 
_entity.details 
1 polymer     syn 
;DNA (5'-D(*CP*CP*AP*GP*GP*CP*TP*GP*CP*AP*A)-3')
;
3343.200 2 ? ? ? ? 
2 non-polymer syn 'BARIUM ION'                                      137.327  1 ? ? ? ? 
3 water       nat water                                             18.015   1 ? ? ? ? 
# 
_entity_poly.entity_id                      1 
_entity_poly.type                           polydeoxyribonucleotide 
_entity_poly.nstd_linkage                   no 
_entity_poly.nstd_monomer                   no 
_entity_poly.pdbx_seq_one_letter_code       '(DC)(DC)(DA)(DG)(DG)(DC)(DT)(DG)(DC)(DA)(DA)' 
_entity_poly.pdbx_seq_one_letter_code_can   CCAGGCTGCAA 
_entity_poly.pdbx_strand_id                 A,B 
_entity_poly.pdbx_target_identifier         ? 
# 
loop_
_entity_poly_seq.entity_id 
_entity_poly_seq.num 
_entity_poly_seq.mon_id 
_entity_poly_seq.hetero 
1 1  DC n 
1 2  DC n 
1 3  DA n 
1 4  DG n 
1 5  DG n 
1 6  DC n 
1 7  DT n 
1 8  DG n 
1 9  DC n 
1 10 DA n 
1 11 DA n 
# 
_pdbx_entity_src_syn.entity_id              1 
_pdbx_entity_src_syn.pdbx_src_id            1 
_pdbx_entity_src_syn.pdbx_alt_source_flag   sample 
_pdbx_entity_src_syn.pdbx_beg_seq_num       1 
_pdbx_entity_src_syn.pdbx_end_seq_num       11 
_pdbx_entity_src_syn.organism_scientific    'synthetic construct' 
_pdbx_entity_src_syn.organism_common_name   ? 
_pdbx_entity_src_syn.ncbi_taxonomy_id       32630 
_pdbx_entity_src_syn.details                ? 
# 
_struct_ref.id                         1 
_struct_ref.db_name                    PDB 
_struct_ref.db_code                    6TZQ 
_struct_ref.pdbx_db_accession          6TZQ 
_struct_ref.pdbx_db_isoform            ? 
_struct_ref.entity_id                  1 
_struct_ref.pdbx_seq_one_letter_code   ? 
_struct_ref.pdbx_align_begin           1 
# 
loop_
_struct_ref_seq.align_id 
_struct_ref_seq.ref_id 
_struct_ref_seq.pdbx_PDB_id_code 
_struct_ref_seq.pdbx_strand_id 
_struct_ref_seq.seq_align_beg 
_struct_ref_seq.pdbx_seq_align_beg_ins_code 
_struct_ref_seq.seq_align_end 
_struct_ref_seq.pdbx_seq_align_end_ins_code 
_struct_ref_seq.pdbx_db_accession 
_struct_ref_seq.db_align_beg 
_struct_ref_seq.pdbx_db_align_beg_ins_code 
_struct_ref_seq.db_align_end 
_struct_ref_seq.pdbx_db_align_end_ins_code 
_struct_ref_seq.pdbx_auth_seq_align_beg 
_struct_ref_seq.pdbx_auth_seq_align_end 
1 1 6TZQ A 1 ? 11 ? 6TZQ 1 ? 11 ? 1 11 
2 1 6TZQ B 1 ? 11 ? 6TZQ 1 ? 11 ? 1 11 
# 
loop_
_chem_comp.id 
_chem_comp.type 
_chem_comp.mon_nstd_flag 
_chem_comp.name 
_chem_comp.pdbx_synonyms 
_chem_comp.formula 
_chem_comp.formula_weight 
BA  non-polymer   . 'BARIUM ION'                         ? 'Ba 2'            137.327 
DA  'DNA linking' y "2'-DEOXYADENOSINE-5'-MONOPHOSPHATE" ? 'C10 H14 N5 O6 P' 331.222 
DC  'DNA linking' y "2'-DEOXYCYTIDINE-5'-MONOPHOSPHATE"  ? 'C9 H14 N3 O7 P'  307.197 
DG  'DNA linking' y "2'-DEOXYGUANOSINE-5'-MONOPHOSPHATE" ? 'C10 H14 N5 O7 P' 347.221 
DT  'DNA linking' y "THYMIDINE-5'-MONOPHOSPHATE"         ? 'C10 H15 N2 O8 P' 322.208 
HOH non-polymer   . WATER                                ? 'H2 O'            18.015  
# 
_exptl.absorpt_coefficient_mu     ? 
_exptl.absorpt_correction_T_max   ? 
_exptl.absorpt_correction_T_min   ? 
_exptl.absorpt_correction_type    ? 
_exptl.absorpt_process_details    ? 
_exptl.entry_id                   6TZQ 
_exptl.crystals_number            1 
_exptl.details                    ? 
_exptl.method                     'X-RAY DIFFRACTION' 
_exptl.method_details             ? 
# 
_exptl_crystal.colour                      ? 
_exptl_crystal.density_diffrn              ? 
_exptl_crystal.density_Matthews            2.98 
_exptl_crystal.density_method              ? 
_exptl_crystal.density_percent_sol         58.66 
_exptl_crystal.description                 ? 
_exptl_crystal.F_000                       ? 
_exptl_crystal.id                          1 
_exptl_crystal.preparation                 ? 
_exptl_crystal.size_max                    ? 
_exptl_crystal.size_mid                    ? 
_exptl_crystal.size_min                    ? 
_exptl_crystal.size_rad                    ? 
_exptl_crystal.colour_lustre               ? 
_exptl_crystal.colour_modifier             ? 
_exptl_crystal.colour_primary              ? 
_exptl_crystal.density_meas                ? 
_exptl_crystal.density_meas_esd            ? 
_exptl_crystal.density_meas_gt             ? 
_exptl_crystal.density_meas_lt             ? 
_exptl_crystal.density_meas_temp           ? 
_exptl_crystal.density_meas_temp_esd       ? 
_exptl_crystal.density_meas_temp_gt        ? 
_exptl_crystal.density_meas_temp_lt        ? 
_exptl_crystal.pdbx_crystal_image_url      ? 
_exptl_crystal.pdbx_crystal_image_format   ? 
_exptl_crystal.pdbx_mosaicity              ? 
_exptl_crystal.pdbx_mosaicity_esd          ? 
# 
_exptl_crystal_grow.apparatus       ? 
_exptl_crystal_grow.atmosphere      ? 
_exptl_crystal_grow.crystal_id      1 
_exptl_crystal_grow.details         ? 
_exptl_crystal_grow.method          'VAPOR DIFFUSION, SITTING DROP' 
_exptl_crystal_grow.method_ref      ? 
_exptl_crystal_grow.pH              6.0 
_exptl_crystal_grow.pressure        ? 
_exptl_crystal_grow.pressure_esd    ? 
_exptl_crystal_grow.seeding         ? 
_exptl_crystal_grow.seeding_ref     ? 
_exptl_crystal_grow.temp            295 
_exptl_crystal_grow.temp_details    ? 
_exptl_crystal_grow.temp_esd        ? 
_exptl_crystal_grow.time            ? 
_exptl_crystal_grow.pdbx_details    
;30% PEG 400, 20 mM barium chloride, 10 mM spermidine, 30 mM Bis-Tris pH 8.5; Equilibrated against 5% PEG 400 and 4 ul of glacial acetic acid
;
_exptl_crystal_grow.pdbx_pH_range   ? 
# 
_diffrn.ambient_environment              ? 
_diffrn.ambient_temp                     100 
_diffrn.ambient_temp_details             ? 
_diffrn.ambient_temp_esd                 ? 
_diffrn.crystal_id                       1 
_diffrn.crystal_support                  ? 
_diffrn.crystal_treatment                ? 
_diffrn.details                          ? 
_diffrn.id                               1 
_diffrn.ambient_pressure                 ? 
_diffrn.ambient_pressure_esd             ? 
_diffrn.ambient_pressure_gt              ? 
_diffrn.ambient_pressure_lt              ? 
_diffrn.ambient_temp_gt                  ? 
_diffrn.ambient_temp_lt                  ? 
_diffrn.pdbx_serial_crystal_experiment   N 
# 
_diffrn_detector.details                      ? 
_diffrn_detector.detector                     PIXEL 
_diffrn_detector.diffrn_id                    1 
_diffrn_detector.type                         'DECTRIS PILATUS 6M-F' 
_diffrn_detector.area_resol_mean              ? 
_diffrn_detector.dtime                        ? 
_diffrn_detector.pdbx_frames_total            ? 
_diffrn_detector.pdbx_collection_time_total   ? 
_diffrn_detector.pdbx_collection_date         2018-10-25 
_diffrn_detector.pdbx_frequency               ? 
# 
_diffrn_radiation.collimation                      ? 
_diffrn_radiation.diffrn_id                        1 
_diffrn_radiation.filter_edge                      ? 
_diffrn_radiation.inhomogeneity                    ? 
_diffrn_radiation.monochromator                    ? 
_diffrn_radiation.polarisn_norm                    ? 
_diffrn_radiation.polarisn_ratio                   ? 
_diffrn_radiation.probe                            ? 
_diffrn_radiation.type                             ? 
_diffrn_radiation.xray_symbol                      ? 
_diffrn_radiation.wavelength_id                    1 
_diffrn_radiation.pdbx_monochromatic_or_laue_m_l   M 
_diffrn_radiation.pdbx_wavelength_list             ? 
_diffrn_radiation.pdbx_wavelength                  ? 
_diffrn_radiation.pdbx_diffrn_protocol             'SINGLE WAVELENGTH' 
_diffrn_radiation.pdbx_analyzer                    ? 
_diffrn_radiation.pdbx_scattering_type             x-ray 
# 
_diffrn_radiation_wavelength.id           1 
_diffrn_radiation_wavelength.wavelength   0.9196 
_diffrn_radiation_wavelength.wt           1.0 
# 
_diffrn_source.current                     ? 
_diffrn_source.details                     ? 
_diffrn_source.diffrn_id                   1 
_diffrn_source.power                       ? 
_diffrn_source.size                        ? 
_diffrn_source.source                      SYNCHROTRON 
_diffrn_source.target                      ? 
_diffrn_source.type                        'APS BEAMLINE 24-ID-C' 
_diffrn_source.voltage                     ? 
_diffrn_source.take-off_angle              ? 
_diffrn_source.pdbx_wavelength_list        0.9196 
_diffrn_source.pdbx_wavelength             ? 
_diffrn_source.pdbx_synchrotron_beamline   24-ID-C 
_diffrn_source.pdbx_synchrotron_site       APS 
# 
_reflns.B_iso_Wilson_estimate            ? 
_reflns.entry_id                         6TZQ 
_reflns.data_reduction_details           ? 
_reflns.data_reduction_method            ? 
_reflns.d_resolution_high                2.290 
_reflns.d_resolution_low                 49.330 
_reflns.details                          ? 
_reflns.limit_h_max                      ? 
_reflns.limit_h_min                      ? 
_reflns.limit_k_max                      ? 
_reflns.limit_k_min                      ? 
_reflns.limit_l_max                      ? 
_reflns.limit_l_min                      ? 
_reflns.number_all                       ? 
_reflns.number_obs                       3955 
_reflns.observed_criterion               ? 
_reflns.observed_criterion_F_max         ? 
_reflns.observed_criterion_F_min         ? 
_reflns.observed_criterion_I_max         ? 
_reflns.observed_criterion_I_min         ? 
_reflns.observed_criterion_sigma_F       ? 
_reflns.observed_criterion_sigma_I       ? 
_reflns.percent_possible_obs             99.900 
_reflns.R_free_details                   ? 
_reflns.Rmerge_F_all                     ? 
_reflns.Rmerge_F_obs                     ? 
_reflns.Friedel_coverage                 ? 
_reflns.number_gt                        ? 
_reflns.threshold_expression             ? 
_reflns.pdbx_redundancy                  17.400 
_reflns.pdbx_Rmerge_I_obs                0.138 
_reflns.pdbx_Rmerge_I_all                ? 
_reflns.pdbx_Rsym_value                  ? 
_reflns.pdbx_netI_over_av_sigmaI         ? 
_reflns.pdbx_netI_over_sigmaI            8.200 
_reflns.pdbx_res_netI_over_av_sigmaI_2   ? 
_reflns.pdbx_res_netI_over_sigmaI_2      ? 
_reflns.pdbx_chi_squared                 ? 
_reflns.pdbx_scaling_rejects             117 
_reflns.pdbx_d_res_high_opt              ? 
_reflns.pdbx_d_res_low_opt               ? 
_reflns.pdbx_d_res_opt_method            ? 
_reflns.phase_calculation_details        ? 
_reflns.pdbx_Rrim_I_all                  0.142 
_reflns.pdbx_Rpim_I_all                  0.035 
_reflns.pdbx_d_opt                       ? 
_reflns.pdbx_number_measured_all         68659 
_reflns.pdbx_diffrn_id                   1 
_reflns.pdbx_ordinal                     1 
_reflns.pdbx_CC_half                     1.000 
_reflns.pdbx_R_split                     ? 
# 
loop_
_reflns_shell.d_res_high 
_reflns_shell.d_res_low 
_reflns_shell.meanI_over_sigI_all 
_reflns_shell.meanI_over_sigI_obs 
_reflns_shell.number_measured_all 
_reflns_shell.number_measured_obs 
_reflns_shell.number_possible 
_reflns_shell.number_unique_all 
_reflns_shell.number_unique_obs 
_reflns_shell.percent_possible_all 
_reflns_shell.percent_possible_obs 
_reflns_shell.Rmerge_F_all 
_reflns_shell.Rmerge_F_obs 
_reflns_shell.Rmerge_I_all 
_reflns_shell.Rmerge_I_obs 
_reflns_shell.meanI_over_sigI_gt 
_reflns_shell.meanI_over_uI_all 
_reflns_shell.meanI_over_uI_gt 
_reflns_shell.number_measured_gt 
_reflns_shell.number_unique_gt 
_reflns_shell.percent_possible_gt 
_reflns_shell.Rmerge_F_gt 
_reflns_shell.Rmerge_I_gt 
_reflns_shell.pdbx_redundancy 
_reflns_shell.pdbx_Rsym_value 
_reflns_shell.pdbx_chi_squared 
_reflns_shell.pdbx_netI_over_sigmaI_all 
_reflns_shell.pdbx_netI_over_sigmaI_obs 
_reflns_shell.pdbx_Rrim_I_all 
_reflns_shell.pdbx_Rpim_I_all 
_reflns_shell.pdbx_rejects 
_reflns_shell.pdbx_ordinal 
_reflns_shell.pdbx_diffrn_id 
_reflns_shell.pdbx_CC_half 
_reflns_shell.pdbx_R_split 
2.290 2.370  ? ? 6726 ? ? ? 373 100.000 ? ? ? ? 1.653 ? ? ? ? ? ? ? ? 18.000 ? ? ? 1.400  1.702 0.400 ? 1 1 0.969 ? 
8.870 49.330 ? ? 1198 ? ? ? 94  99.700  ? ? ? ? 0.061 ? ? ? ? ? ? ? ? 12.700 ? ? ? 22.000 0.063 0.018 ? 2 1 1.000 ? 
# 
_refine.aniso_B[1][1]                            0.0500 
_refine.aniso_B[1][2]                            0.0300 
_refine.aniso_B[1][3]                            0.0000 
_refine.aniso_B[2][2]                            0.0500 
_refine.aniso_B[2][3]                            -0.0000 
_refine.aniso_B[3][3]                            -0.1700 
_refine.B_iso_max                                107.420 
_refine.B_iso_mean                               71.4340 
_refine.B_iso_min                                52.420 
_refine.correlation_coeff_Fo_to_Fc               0.9700 
_refine.correlation_coeff_Fo_to_Fc_free          0.9900 
_refine.details                                  
'HYDROGENS HAVE BEEN ADDED IN THE RIDING POSITIONS U VALUES      : REFINED INDIVIDUALLY' 
_refine.diff_density_max                         ? 
_refine.diff_density_max_esd                     ? 
_refine.diff_density_min                         ? 
_refine.diff_density_min_esd                     ? 
_refine.diff_density_rms                         ? 
_refine.diff_density_rms_esd                     ? 
_refine.entry_id                                 6TZQ 
_refine.pdbx_refine_id                           'X-RAY DIFFRACTION' 
_refine.ls_abs_structure_details                 ? 
_refine.ls_abs_structure_Flack                   ? 
_refine.ls_abs_structure_Flack_esd               ? 
_refine.ls_abs_structure_Rogers                  ? 
_refine.ls_abs_structure_Rogers_esd              ? 
_refine.ls_d_res_high                            2.2900 
_refine.ls_d_res_low                             32.8800 
_refine.ls_extinction_coef                       ? 
_refine.ls_extinction_coef_esd                   ? 
_refine.ls_extinction_expression                 ? 
_refine.ls_extinction_method                     ? 
_refine.ls_goodness_of_fit_all                   ? 
_refine.ls_goodness_of_fit_all_esd               ? 
_refine.ls_goodness_of_fit_obs                   ? 
_refine.ls_goodness_of_fit_obs_esd               ? 
_refine.ls_hydrogen_treatment                    ? 
_refine.ls_matrix_type                           ? 
_refine.ls_number_constraints                    ? 
_refine.ls_number_parameters                     ? 
_refine.ls_number_reflns_all                     ? 
_refine.ls_number_reflns_obs                     3560 
_refine.ls_number_reflns_R_free                  373 
_refine.ls_number_reflns_R_work                  ? 
_refine.ls_number_restraints                     ? 
_refine.ls_percent_reflns_obs                    99.3900 
_refine.ls_percent_reflns_R_free                 9.5000 
_refine.ls_R_factor_all                          ? 
_refine.ls_R_factor_obs                          0.2223 
_refine.ls_R_factor_R_free                       0.2551 
_refine.ls_R_factor_R_free_error                 ? 
_refine.ls_R_factor_R_free_error_details         ? 
_refine.ls_R_factor_R_work                       ? 
_refine.ls_R_Fsqd_factor_obs                     ? 
_refine.ls_R_I_factor_obs                        ? 
_refine.ls_redundancy_reflns_all                 ? 
_refine.ls_redundancy_reflns_obs                 ? 
_refine.ls_restrained_S_all                      ? 
_refine.ls_restrained_S_obs                      ? 
_refine.ls_shift_over_esd_max                    ? 
_refine.ls_shift_over_esd_mean                   ? 
_refine.ls_structure_factor_coef                 ? 
_refine.ls_weighting_details                     ? 
_refine.ls_weighting_scheme                      ? 
_refine.ls_wR_factor_all                         ? 
_refine.ls_wR_factor_obs                         ? 
_refine.ls_wR_factor_R_free                      ? 
_refine.ls_wR_factor_R_work                      ? 
_refine.occupancy_max                            ? 
_refine.occupancy_min                            ? 
_refine.solvent_model_details                    MASK 
_refine.solvent_model_param_bsol                 ? 
_refine.solvent_model_param_ksol                 ? 
_refine.ls_R_factor_gt                           ? 
_refine.ls_goodness_of_fit_gt                    ? 
_refine.ls_goodness_of_fit_ref                   ? 
_refine.ls_shift_over_su_max                     ? 
_refine.ls_shift_over_su_max_lt                  ? 
_refine.ls_shift_over_su_mean                    ? 
_refine.ls_shift_over_su_mean_lt                 ? 
_refine.pdbx_ls_sigma_I                          ? 
_refine.pdbx_ls_sigma_F                          0.000 
_refine.pdbx_ls_sigma_Fsqd                       ? 
_refine.pdbx_data_cutoff_high_absF               ? 
_refine.pdbx_data_cutoff_high_rms_absF           ? 
_refine.pdbx_data_cutoff_low_absF                ? 
_refine.pdbx_isotropic_thermal_model             ? 
_refine.pdbx_ls_cross_valid_method               THROUGHOUT 
_refine.pdbx_method_to_determine_struct          'MOLECULAR REPLACEMENT' 
_refine.pdbx_starting_model                      6TZR 
_refine.pdbx_stereochemistry_target_values       'MAXIMUM LIKELIHOOD' 
_refine.pdbx_R_Free_selection_details            RANDOM 
_refine.pdbx_stereochem_target_val_spec_case     ? 
_refine.pdbx_overall_ESU_R                       0.2720 
_refine.pdbx_overall_ESU_R_Free                  0.1730 
_refine.pdbx_solvent_vdw_probe_radii             1.0000 
_refine.pdbx_solvent_ion_probe_radii             0.8000 
_refine.pdbx_solvent_shrinkage_radii             0.8000 
_refine.pdbx_real_space_R                        ? 
_refine.pdbx_density_correlation                 ? 
_refine.pdbx_pd_number_of_powder_patterns        ? 
_refine.pdbx_pd_number_of_points                 ? 
_refine.pdbx_pd_meas_number_of_points            ? 
_refine.pdbx_pd_proc_ls_prof_R_factor            ? 
_refine.pdbx_pd_proc_ls_prof_wR_factor           ? 
_refine.pdbx_pd_Marquardt_correlation_coeff      ? 
_refine.pdbx_pd_Fsqrd_R_factor                   ? 
_refine.pdbx_pd_ls_matrix_band_width             ? 
_refine.pdbx_overall_phase_error                 ? 
_refine.pdbx_overall_SU_R_free_Cruickshank_DPI   ? 
_refine.pdbx_overall_SU_R_free_Blow_DPI          ? 
_refine.pdbx_overall_SU_R_Blow_DPI               ? 
_refine.pdbx_TLS_residual_ADP_flag               ? 
_refine.pdbx_diffrn_id                           1 
_refine.overall_SU_B                             11.5910 
_refine.overall_SU_ML                            0.2320 
_refine.overall_SU_R_Cruickshank_DPI             ? 
_refine.overall_SU_R_free                        ? 
_refine.overall_FOM_free_R_set                   ? 
_refine.overall_FOM_work_R_set                   ? 
_refine.pdbx_average_fsc_overall                 ? 
_refine.pdbx_average_fsc_work                    ? 
_refine.pdbx_average_fsc_free                    ? 
# 
_refine_hist.pdbx_refine_id                   'X-RAY DIFFRACTION' 
_refine_hist.cycle_id                         final 
_refine_hist.details                          ? 
_refine_hist.d_res_high                       2.2900 
_refine_hist.d_res_low                        32.8800 
_refine_hist.number_atoms_solvent             1 
_refine_hist.number_atoms_total               446 
_refine_hist.number_reflns_all                ? 
_refine_hist.number_reflns_obs                ? 
_refine_hist.number_reflns_R_free             ? 
_refine_hist.number_reflns_R_work             ? 
_refine_hist.R_factor_all                     ? 
_refine_hist.R_factor_obs                     ? 
_refine_hist.R_factor_R_free                  ? 
_refine_hist.R_factor_R_work                  ? 
_refine_hist.pdbx_number_residues_total       22 
_refine_hist.pdbx_B_iso_mean_ligand           65.26 
_refine_hist.pdbx_B_iso_mean_solvent          55.23 
_refine_hist.pdbx_number_atoms_protein        0 
_refine_hist.pdbx_number_atoms_nucleic_acid   444 
_refine_hist.pdbx_number_atoms_ligand         1 
_refine_hist.pdbx_number_atoms_lipid          ? 
_refine_hist.pdbx_number_atoms_carb           ? 
_refine_hist.pdbx_pseudo_atom_details         ? 
# 
loop_
_refine_ls_restr.pdbx_refine_id 
_refine_ls_restr.criterion 
_refine_ls_restr.dev_ideal 
_refine_ls_restr.dev_ideal_target 
_refine_ls_restr.number 
_refine_ls_restr.rejects 
_refine_ls_restr.type 
_refine_ls_restr.weight 
_refine_ls_restr.pdbx_restraint_function 
'X-RAY DIFFRACTION' ? 0.005 0.011 498 ? r_bond_refined_d     ? ? 
'X-RAY DIFFRACTION' ? 0.002 0.020 246 ? r_bond_other_d       ? ? 
'X-RAY DIFFRACTION' ? 1.565 1.164 764 ? r_angle_refined_deg  ? ? 
'X-RAY DIFFRACTION' ? 1.674 3.000 580 ? r_angle_other_deg    ? ? 
'X-RAY DIFFRACTION' ? 0.119 0.200 66  ? r_chiral_restr       ? ? 
'X-RAY DIFFRACTION' ? 0.009 0.020 270 ? r_gen_planes_refined ? ? 
'X-RAY DIFFRACTION' ? 0.001 0.020 124 ? r_gen_planes_other   ? ? 
# 
_refine_ls_shell.pdbx_refine_id                   'X-RAY DIFFRACTION' 
_refine_ls_shell.d_res_high                       2.290 
_refine_ls_shell.d_res_low                        2.3460 
_refine_ls_shell.number_reflns_all                ? 
_refine_ls_shell.number_reflns_obs                ? 
_refine_ls_shell.number_reflns_R_free             23 
_refine_ls_shell.number_reflns_R_work             262 
_refine_ls_shell.percent_reflns_obs               98.2800 
_refine_ls_shell.percent_reflns_R_free            ? 
_refine_ls_shell.R_factor_all                     ? 
_refine_ls_shell.R_factor_obs                     ? 
_refine_ls_shell.R_factor_R_free                  0.4720 
_refine_ls_shell.R_factor_R_free_error            0.0000 
_refine_ls_shell.R_factor_R_work                  0.5430 
_refine_ls_shell.redundancy_reflns_all            ? 
_refine_ls_shell.redundancy_reflns_obs            ? 
_refine_ls_shell.wR_factor_all                    ? 
_refine_ls_shell.wR_factor_obs                    ? 
_refine_ls_shell.wR_factor_R_free                 ? 
_refine_ls_shell.wR_factor_R_work                 ? 
_refine_ls_shell.pdbx_total_number_of_bins_used   ? 
_refine_ls_shell.pdbx_phase_error                 ? 
_refine_ls_shell.pdbx_fsc_work                    ? 
_refine_ls_shell.pdbx_fsc_free                    ? 
# 
_struct.entry_id                     6TZQ 
_struct.title                        'A DNA G-quadruplex/i-motif hybrid' 
_struct.pdbx_model_details           ? 
_struct.pdbx_formula_weight          ? 
_struct.pdbx_formula_weight_method   ? 
_struct.pdbx_model_type_details      ? 
_struct.pdbx_CASP_flag               N 
# 
_struct_keywords.entry_id        6TZQ 
_struct_keywords.text            'G-quadruplex, i-motif, quadruplex, hybrid, non-duplex, noncanonical, DNA' 
_struct_keywords.pdbx_keywords   DNA 
# 
loop_
_struct_asym.id 
_struct_asym.pdbx_blank_PDB_chainid_flag 
_struct_asym.pdbx_modified 
_struct_asym.entity_id 
_struct_asym.details 
A N N 1 ? 
B N N 1 ? 
C N N 2 ? 
D N N 3 ? 
# 
loop_
_struct_conn.id 
_struct_conn.conn_type_id 
_struct_conn.pdbx_leaving_atom_flag 
_struct_conn.pdbx_PDB_id 
_struct_conn.ptnr1_label_asym_id 
_struct_conn.ptnr1_label_comp_id 
_struct_conn.ptnr1_label_seq_id 
_struct_conn.ptnr1_label_atom_id 
_struct_conn.pdbx_ptnr1_label_alt_id 
_struct_conn.pdbx_ptnr1_PDB_ins_code 
_struct_conn.pdbx_ptnr1_standard_comp_id 
_struct_conn.ptnr1_symmetry 
_struct_conn.ptnr2_label_asym_id 
_struct_conn.ptnr2_label_comp_id 
_struct_conn.ptnr2_label_seq_id 
_struct_conn.ptnr2_label_atom_id 
_struct_conn.pdbx_ptnr2_label_alt_id 
_struct_conn.pdbx_ptnr2_PDB_ins_code 
_struct_conn.ptnr1_auth_asym_id 
_struct_conn.ptnr1_auth_comp_id 
_struct_conn.ptnr1_auth_seq_id 
_struct_conn.ptnr2_auth_asym_id 
_struct_conn.ptnr2_auth_comp_id 
_struct_conn.ptnr2_auth_seq_id 
_struct_conn.ptnr2_symmetry 
_struct_conn.pdbx_ptnr3_label_atom_id 
_struct_conn.pdbx_ptnr3_label_seq_id 
_struct_conn.pdbx_ptnr3_label_comp_id 
_struct_conn.pdbx_ptnr3_label_asym_id 
_struct_conn.pdbx_ptnr3_label_alt_id 
_struct_conn.pdbx_ptnr3_PDB_ins_code 
_struct_conn.details 
_struct_conn.pdbx_dist_value 
_struct_conn.pdbx_value_order 
_struct_conn.pdbx_role 
metalc1  metalc ? ? A DG 4  O6 ? ? ? 1_555 C BA .  BA ? ? A DG 4   A BA 101 1_555 ? ? ? ? ? ? ?                    2.649 ? ? 
metalc2  metalc ? ? A DG 4  O6 ? ? ? 1_555 C BA .  BA ? ? A DG 4   A BA 101 4_555 ? ? ? ? ? ? ?                    2.649 ? ? 
metalc3  metalc ? ? A DG 5  O6 ? ? ? 1_555 C BA .  BA ? ? A DG 5   A BA 101 1_555 ? ? ? ? ? ? ?                    2.651 ? ? 
metalc4  metalc ? ? A DG 5  O6 ? ? ? 1_555 C BA .  BA ? ? A DG 5   A BA 101 4_555 ? ? ? ? ? ? ?                    2.651 ? ? 
metalc5  metalc ? ? C BA .  BA ? ? ? 1_555 B DG 4  O6 ? ? A BA 101 B DG 4   1_555 ? ? ? ? ? ? ?                    2.547 ? ? 
metalc6  metalc ? ? C BA .  BA ? ? ? 4_555 B DG 4  O6 ? ? A BA 101 B DG 4   1_555 ? ? ? ? ? ? ?                    2.547 ? ? 
metalc7  metalc ? ? C BA .  BA ? ? ? 1_555 B DG 5  O6 ? ? A BA 101 B DG 5   1_555 ? ? ? ? ? ? ?                    2.820 ? ? 
metalc8  metalc ? ? C BA .  BA ? ? ? 4_555 B DG 5  O6 ? ? A BA 101 B DG 5   1_555 ? ? ? ? ? ? ?                    2.820 ? ? 
hydrog1  hydrog ? ? A DC 1  N4 ? ? ? 1_555 B DC 1  O2 ? ? A DC 1   B DC 1   1_555 ? ? ? ? ? ? TYPE_15_PAIR         ?     ? ? 
hydrog2  hydrog ? ? A DC 1  O2 ? ? ? 1_555 B DC 1  N4 ? ? A DC 1   B DC 1   1_555 ? ? ? ? ? ? TYPE_15_PAIR         ?     ? ? 
hydrog3  hydrog ? ? A DC 2  N4 ? ? ? 1_555 B DC 2  O2 ? ? A DC 2   B DC 2   1_555 ? ? ? ? ? ? TYPE_15_PAIR         ?     ? ? 
hydrog4  hydrog ? ? A DC 2  O2 ? ? ? 1_555 B DC 2  N4 ? ? A DC 2   B DC 2   1_555 ? ? ? ? ? ? TYPE_15_PAIR         ?     ? ? 
hydrog5  hydrog ? ? A DA 3  N6 ? ? ? 1_555 A DT 7  O2 ? ? A DA 3   A DT 7   4_555 ? ? ? ? ? ? 'REVERSED HOOGSTEEN' ?     ? ? 
hydrog6  hydrog ? ? A DA 3  N7 ? ? ? 1_555 A DT 7  N3 ? ? A DA 3   A DT 7   4_555 ? ? ? ? ? ? 'REVERSED HOOGSTEEN' ?     ? ? 
hydrog7  hydrog ? ? A DA 3  N1 ? ? ? 1_555 B DA 3  N6 ? ? A DA 3   B DA 3   1_555 ? ? ? ? ? ? TYPE_5_PAIR          ?     ? ? 
hydrog8  hydrog ? ? A DA 3  N6 ? ? ? 1_555 B DA 3  N7 ? ? A DA 3   B DA 3   1_555 ? ? ? ? ? ? TYPE_5_PAIR          ?     ? ? 
hydrog9  hydrog ? ? A DG 4  N1 ? ? ? 1_555 A DG 5  O6 ? ? A DG 4   A DG 5   4_555 ? ? ? ? ? ? TYPE_6_PAIR          ?     ? ? 
hydrog10 hydrog ? ? A DG 4  N2 ? ? ? 1_555 A DG 5  N7 ? ? A DG 4   A DG 5   4_555 ? ? ? ? ? ? TYPE_6_PAIR          ?     ? ? 
hydrog11 hydrog ? ? A DG 5  N7 ? ? ? 1_555 A DG 4  N2 ? ? A DG 5   A DG 4   4_555 ? ? ? ? ? ? TYPE_6_PAIR          ?     ? ? 
hydrog12 hydrog ? ? A DG 5  O6 ? ? ? 1_555 A DG 4  N1 ? ? A DG 5   A DG 4   4_555 ? ? ? ? ? ? TYPE_6_PAIR          ?     ? ? 
hydrog13 hydrog ? ? A DT 7  N3 ? ? ? 1_555 A DA 3  N7 ? ? A DT 7   A DA 3   4_555 ? ? ? ? ? ? 'REVERSED HOOGSTEEN' ?     ? ? 
hydrog14 hydrog ? ? A DT 7  O2 ? ? ? 1_555 A DA 3  N6 ? ? A DT 7   A DA 3   4_555 ? ? ? ? ? ? 'REVERSED HOOGSTEEN' ?     ? ? 
hydrog15 hydrog ? ? A DC 9  N4 ? ? ? 1_555 B DC 9  O2 ? ? A DC 9   B DC 9   1_555 ? ? ? ? ? ? TYPE_15_PAIR         ?     ? ? 
hydrog16 hydrog ? ? A DC 9  O2 ? ? ? 1_555 B DC 9  N4 ? ? A DC 9   B DC 9   1_555 ? ? ? ? ? ? TYPE_15_PAIR         ?     ? ? 
hydrog17 hydrog ? ? A DA 10 N1 ? ? ? 1_555 B DA 10 N6 ? ? A DA 10  B DA 10  1_555 ? ? ? ? ? ? TYPE_1_PAIR          ?     ? ? 
hydrog18 hydrog ? ? A DA 10 N6 ? ? ? 1_555 B DA 10 N1 ? ? A DA 10  B DA 10  1_555 ? ? ? ? ? ? TYPE_1_PAIR          ?     ? ? 
# 
loop_
_struct_conn_type.id 
_struct_conn_type.criteria 
_struct_conn_type.reference 
metalc ? ? 
hydrog ? ? 
# 
_struct_site.id                   AC1 
_struct_site.pdbx_evidence_code   Software 
_struct_site.pdbx_auth_asym_id    A 
_struct_site.pdbx_auth_comp_id    BA 
_struct_site.pdbx_auth_seq_id     101 
_struct_site.pdbx_auth_ins_code   ? 
_struct_site.pdbx_num_residues    8 
_struct_site.details              'binding site for residue BA A 101' 
# 
loop_
_struct_site_gen.id 
_struct_site_gen.site_id 
_struct_site_gen.pdbx_num_res 
_struct_site_gen.label_comp_id 
_struct_site_gen.label_asym_id 
_struct_site_gen.label_seq_id 
_struct_site_gen.pdbx_auth_ins_code 
_struct_site_gen.auth_comp_id 
_struct_site_gen.auth_asym_id 
_struct_site_gen.auth_seq_id 
_struct_site_gen.label_atom_id 
_struct_site_gen.label_alt_id 
_struct_site_gen.symmetry 
_struct_site_gen.details 
1 AC1 8 DG A 4 ? DG A 4 . ? 1_555 ? 
2 AC1 8 DG A 4 ? DG A 4 . ? 4_555 ? 
3 AC1 8 DG A 5 ? DG A 5 . ? 1_555 ? 
4 AC1 8 DG A 5 ? DG A 5 . ? 4_555 ? 
5 AC1 8 DG B 4 ? DG B 4 . ? 4_555 ? 
6 AC1 8 DG B 4 ? DG B 4 . ? 1_555 ? 
7 AC1 8 DG B 5 ? DG B 5 . ? 1_555 ? 
8 AC1 8 DG B 5 ? DG B 5 . ? 4_555 ? 
# 
_atom_sites.entry_id                    6TZQ 
_atom_sites.Cartn_transf_matrix[1][1]   ? 
_atom_sites.Cartn_transf_matrix[1][2]   ? 
_atom_sites.Cartn_transf_matrix[1][3]   ? 
_atom_sites.Cartn_transf_matrix[2][1]   ? 
_atom_sites.Cartn_transf_matrix[2][2]   ? 
_atom_sites.Cartn_transf_matrix[2][3]   ? 
_atom_sites.Cartn_transf_matrix[3][1]   ? 
_atom_sites.Cartn_transf_matrix[3][2]   ? 
_atom_sites.Cartn_transf_matrix[3][3]   ? 
_atom_sites.Cartn_transf_vector[1]      ? 
_atom_sites.Cartn_transf_vector[2]      ? 
_atom_sites.Cartn_transf_vector[3]      ? 
_atom_sites.fract_transf_matrix[1][1]   0.02910798 
_atom_sites.fract_transf_matrix[1][2]   -0.01034945 
_atom_sites.fract_transf_matrix[1][3]   0.00002939 
_atom_sites.fract_transf_matrix[2][1]   0.01667723 
_atom_sites.fract_transf_matrix[2][2]   0.00072200 
_atom_sites.fract_transf_matrix[2][3]   -0.02599474 
_atom_sites.fract_transf_matrix[3][1]   0.00329935 
_atom_sites.fract_transf_matrix[3][2]   0.00928623 
_atom_sites.fract_transf_matrix[3][3]   0.00237466 
_atom_sites.fract_transf_vector[1]      0.512662 
_atom_sites.fract_transf_vector[2]      0.475128 
_atom_sites.fract_transf_vector[3]      0.039730 
_atom_sites.solution_primary            ? 
_atom_sites.solution_secondary          ? 
_atom_sites.solution_hydrogens          ? 
_atom_sites.special_details             ? 
# 
loop_
_atom_type.symbol 
BA 
C  
N  
O  
P  
# 
loop_
_atom_site.group_PDB 
_atom_site.id 
_atom_site.type_symbol 
_atom_site.label_atom_id 
_atom_site.label_alt_id 
_atom_site.label_comp_id 
_atom_site.label_asym_id 
_atom_site.label_entity_id 
_atom_site.label_seq_id 
_atom_site.pdbx_PDB_ins_code 
_atom_site.Cartn_x 
_atom_site.Cartn_y 
_atom_site.Cartn_z 
_atom_site.occupancy 
_atom_site.B_iso_or_equiv 
_atom_site.pdbx_formal_charge 
_atom_site.auth_seq_id 
_atom_site.auth_comp_id 
_atom_site.auth_asym_id 
_atom_site.auth_atom_id 
_atom_site.pdbx_PDB_model_num 
ATOM   1   O  "O5'" . DC  A 1 1  ? -15.156 -11.251 -14.745 1.00 96.03  ? 1   DC  A "O5'" 1 
ATOM   2   C  "C5'" . DC  A 1 1  ? -16.250 -11.502 -13.842 1.00 93.77  ? 1   DC  A "C5'" 1 
ATOM   3   C  "C4'" . DC  A 1 1  ? -15.719 -12.060 -12.545 1.00 93.34  ? 1   DC  A "C4'" 1 
ATOM   4   O  "O4'" . DC  A 1 1  ? -14.880 -13.196 -12.840 1.00 94.35  ? 1   DC  A "O4'" 1 
ATOM   5   C  "C3'" . DC  A 1 1  ? -14.819 -11.106 -11.766 1.00 93.63  ? 1   DC  A "C3'" 1 
ATOM   6   O  "O3'" . DC  A 1 1  ? -15.570 -10.286 -10.864 1.00 95.09  ? 1   DC  A "O3'" 1 
ATOM   7   C  "C2'" . DC  A 1 1  ? -13.884 -12.038 -11.017 1.00 89.75  ? 1   DC  A "C2'" 1 
ATOM   8   C  "C1'" . DC  A 1 1  ? -13.854 -13.308 -11.862 1.00 85.57  ? 1   DC  A "C1'" 1 
ATOM   9   N  N1    . DC  A 1 1  ? -12.579 -13.540 -12.562 1.00 74.86  ? 1   DC  A N1    1 
ATOM   10  C  C2    . DC  A 1 1  ? -11.683 -14.463 -12.014 1.00 71.43  ? 1   DC  A C2    1 
ATOM   11  O  O2    . DC  A 1 1  ? -11.994 -15.055 -10.967 1.00 68.04  ? 1   DC  A O2    1 
ATOM   12  N  N3    . DC  A 1 1  ? -10.502 -14.688 -12.633 1.00 68.32  ? 1   DC  A N3    1 
ATOM   13  C  C4    . DC  A 1 1  ? -10.204 -14.032 -13.757 1.00 69.08  ? 1   DC  A C4    1 
ATOM   14  N  N4    . DC  A 1 1  ? -9.028  -14.288 -14.330 1.00 70.47  ? 1   DC  A N4    1 
ATOM   15  C  C5    . DC  A 1 1  ? -11.107 -13.096 -14.346 1.00 67.44  ? 1   DC  A C5    1 
ATOM   16  C  C6    . DC  A 1 1  ? -12.271 -12.881 -13.720 1.00 68.39  ? 1   DC  A C6    1 
ATOM   17  P  P     . DC  A 1 2  ? -15.005 -8.846  -10.430 1.00 95.86  ? 2   DC  A P     1 
ATOM   18  O  OP1   . DC  A 1 2  ? -16.173 -8.000  -10.048 1.00 92.10  ? 2   DC  A OP1   1 
ATOM   19  O  OP2   . DC  A 1 2  ? -14.059 -8.370  -11.483 1.00 90.74  ? 2   DC  A OP2   1 
ATOM   20  O  "O5'" . DC  A 1 2  ? -14.097 -9.187  -9.165  1.00 84.95  ? 2   DC  A "O5'" 1 
ATOM   21  C  "C5'" . DC  A 1 2  ? -14.674 -9.732  -7.968  1.00 79.23  ? 2   DC  A "C5'" 1 
ATOM   22  C  "C4'" . DC  A 1 2  ? -13.626 -9.823  -6.884  1.00 76.39  ? 2   DC  A "C4'" 1 
ATOM   23  O  "O4'" . DC  A 1 2  ? -12.477 -10.547 -7.376  1.00 77.06  ? 2   DC  A "O4'" 1 
ATOM   24  C  "C3'" . DC  A 1 2  ? -13.070 -8.482  -6.425  1.00 73.05  ? 2   DC  A "C3'" 1 
ATOM   25  O  "O3'" . DC  A 1 2  ? -13.864 -7.947  -5.362  1.00 74.05  ? 2   DC  A "O3'" 1 
ATOM   26  C  "C2'" . DC  A 1 2  ? -11.672 -8.835  -5.946  1.00 71.25  ? 2   DC  A "C2'" 1 
ATOM   27  C  "C1'" . DC  A 1 2  ? -11.307 -10.105 -6.702  1.00 69.77  ? 2   DC  A "C1'" 1 
ATOM   28  N  N1    . DC  A 1 2  ? -10.265 -9.898  -7.708  1.00 64.96  ? 2   DC  A N1    1 
ATOM   29  C  C2    . DC  A 1 2  ? -9.082  -10.640 -7.625  1.00 65.81  ? 2   DC  A C2    1 
ATOM   30  O  O2    . DC  A 1 2  ? -8.950  -11.458 -6.699  1.00 63.99  ? 2   DC  A O2    1 
ATOM   31  N  N3    . DC  A 1 2  ? -8.117  -10.453 -8.557  1.00 64.02  ? 2   DC  A N3    1 
ATOM   32  C  C4    . DC  A 1 2  ? -8.296  -9.558  -9.532  1.00 65.55  ? 2   DC  A C4    1 
ATOM   33  N  N4    . DC  A 1 2  ? -7.315  -9.395  -10.421 1.00 66.19  ? 2   DC  A N4    1 
ATOM   34  C  C5    . DC  A 1 2  ? -9.488  -8.781  -9.632  1.00 65.73  ? 2   DC  A C5    1 
ATOM   35  C  C6    . DC  A 1 2  ? -10.440 -8.990  -8.713  1.00 65.22  ? 2   DC  A C6    1 
ATOM   36  P  P     . DA  A 1 3  ? -13.600 -6.450  -4.830  1.00 70.14  ? 3   DA  A P     1 
ATOM   37  O  OP1   . DA  A 1 3  ? -14.812 -6.022  -4.079  1.00 66.83  ? 3   DA  A OP1   1 
ATOM   38  O  OP2   . DA  A 1 3  ? -13.107 -5.652  -5.985  1.00 65.65  ? 3   DA  A OP2   1 
ATOM   39  O  "O5'" . DA  A 1 3  ? -12.442 -6.637  -3.741  1.00 66.10  ? 3   DA  A "O5'" 1 
ATOM   40  C  "C5'" . DA  A 1 3  ? -12.594 -7.589  -2.665  1.00 66.14  ? 3   DA  A "C5'" 1 
ATOM   41  C  "C4'" . DA  A 1 3  ? -11.779 -7.200  -1.450  1.00 67.10  ? 3   DA  A "C4'" 1 
ATOM   42  O  "O4'" . DA  A 1 3  ? -10.367 -7.148  -1.767  1.00 64.87  ? 3   DA  A "O4'" 1 
ATOM   43  C  "C3'" . DA  A 1 3  ? -12.111 -5.840  -0.833  1.00 65.96  ? 3   DA  A "C3'" 1 
ATOM   44  O  "O3'" . DA  A 1 3  ? -11.817 -5.903  0.559   1.00 68.15  ? 3   DA  A "O3'" 1 
ATOM   45  C  "C2'" . DA  A 1 3  ? -11.066 -4.925  -1.440  1.00 64.97  ? 3   DA  A "C2'" 1 
ATOM   46  C  "C1'" . DA  A 1 3  ? -9.857  -5.851  -1.433  1.00 64.21  ? 3   DA  A "C1'" 1 
ATOM   47  N  N9    . DA  A 1 3  ? -8.804  -5.532  -2.391  1.00 58.96  ? 3   DA  A N9    1 
ATOM   48  C  C8    . DA  A 1 3  ? -8.842  -4.715  -3.496  1.00 56.21  ? 3   DA  A C8    1 
ATOM   49  N  N7    . DA  A 1 3  ? -7.726  -4.708  -4.182  1.00 55.33  ? 3   DA  A N7    1 
ATOM   50  C  C5    . DA  A 1 3  ? -6.906  -5.592  -3.496  1.00 55.60  ? 3   DA  A C5    1 
ATOM   51  C  C6    . DA  A 1 3  ? -5.584  -6.018  -3.712  1.00 59.14  ? 3   DA  A C6    1 
ATOM   52  N  N6    . DA  A 1 3  ? -4.825  -5.593  -4.726  1.00 60.88  ? 3   DA  A N6    1 
ATOM   53  N  N1    . DA  A 1 3  ? -5.059  -6.906  -2.837  1.00 60.96  ? 3   DA  A N1    1 
ATOM   54  C  C2    . DA  A 1 3  ? -5.814  -7.312  -1.805  1.00 60.18  ? 3   DA  A C2    1 
ATOM   55  N  N3    . DA  A 1 3  ? -7.065  -6.973  -1.493  1.00 56.76  ? 3   DA  A N3    1 
ATOM   56  C  C4    . DA  A 1 3  ? -7.558  -6.103  -2.390  1.00 55.43  ? 3   DA  A C4    1 
ATOM   57  P  P     . DG  A 1 4  ? -12.963 -5.670  1.618   1.00 74.06  ? 4   DG  A P     1 
ATOM   58  O  OP1   . DG  A 1 4  ? -14.035 -6.651  1.330   1.00 79.95  ? 4   DG  A OP1   1 
ATOM   59  O  OP2   . DG  A 1 4  ? -13.288 -4.223  1.642   1.00 72.93  ? 4   DG  A OP2   1 
ATOM   60  O  "O5'" . DG  A 1 4  ? -12.250 -6.047  2.992   1.00 69.06  ? 4   DG  A "O5'" 1 
ATOM   61  C  "C5'" . DG  A 1 4  ? -11.335 -5.124  3.599   1.00 67.93  ? 4   DG  A "C5'" 1 
ATOM   62  C  "C4'" . DG  A 1 4  ? -10.368 -5.864  4.492   1.00 66.74  ? 4   DG  A "C4'" 1 
ATOM   63  O  "O4'" . DG  A 1 4  ? -9.250  -6.364  3.717   1.00 65.84  ? 4   DG  A "O4'" 1 
ATOM   64  C  "C3'" . DG  A 1 4  ? -9.762  -5.016  5.610   1.00 64.28  ? 4   DG  A "C3'" 1 
ATOM   65  O  "O3'" . DG  A 1 4  ? -9.872  -5.746  6.829   1.00 64.47  ? 4   DG  A "O3'" 1 
ATOM   66  C  "C2'" . DG  A 1 4  ? -8.327  -4.801  5.159   1.00 64.48  ? 4   DG  A "C2'" 1 
ATOM   67  C  "C1'" . DG  A 1 4  ? -8.043  -6.064  4.383   1.00 61.76  ? 4   DG  A "C1'" 1 
ATOM   68  N  N9    . DG  A 1 4  ? -6.992  -5.960  3.379   1.00 61.14  ? 4   DG  A N9    1 
ATOM   69  C  C8    . DG  A 1 4  ? -5.798  -6.638  3.379   1.00 61.97  ? 4   DG  A C8    1 
ATOM   70  N  N7    . DG  A 1 4  ? -5.051  -6.363  2.344   1.00 58.18  ? 4   DG  A N7    1 
ATOM   71  C  C5    . DG  A 1 4  ? -5.794  -5.443  1.620   1.00 56.29  ? 4   DG  A C5    1 
ATOM   72  C  C6    . DG  A 1 4  ? -5.496  -4.783  0.409   1.00 58.62  ? 4   DG  A C6    1 
ATOM   73  O  O6    . DG  A 1 4  ? -4.471  -4.872  -0.283  1.00 62.69  ? 4   DG  A O6    1 
ATOM   74  N  N1    . DG  A 1 4  ? -6.523  -3.924  0.026   1.00 57.24  ? 4   DG  A N1    1 
ATOM   75  C  C2    . DG  A 1 4  ? -7.695  -3.738  0.719   1.00 58.04  ? 4   DG  A C2    1 
ATOM   76  N  N2    . DG  A 1 4  ? -8.572  -2.877  0.180   1.00 58.06  ? 4   DG  A N2    1 
ATOM   77  N  N3    . DG  A 1 4  ? -7.982  -4.345  1.862   1.00 55.03  ? 4   DG  A N3    1 
ATOM   78  C  C4    . DG  A 1 4  ? -6.996  -5.183  2.246   1.00 57.34  ? 4   DG  A C4    1 
ATOM   79  P  P     . DG  A 1 5  ? -9.308  -5.133  8.163   1.00 70.27  ? 5   DG  A P     1 
ATOM   80  O  OP1   . DG  A 1 5  ? -9.764  -5.963  9.304   1.00 74.09  ? 5   DG  A OP1   1 
ATOM   81  O  OP2   . DG  A 1 5  ? -9.627  -3.686  8.157   1.00 72.93  ? 5   DG  A OP2   1 
ATOM   82  O  "O5'" . DG  A 1 5  ? -7.738  -5.325  8.003   1.00 68.39  ? 5   DG  A "O5'" 1 
ATOM   83  C  "C5'" . DG  A 1 5  ? -7.096  -6.594  8.144   1.00 66.45  ? 5   DG  A "C5'" 1 
ATOM   84  C  "C4'" . DG  A 1 5  ? -5.599  -6.388  8.114   1.00 69.09  ? 5   DG  A "C4'" 1 
ATOM   85  O  "O4'" . DG  A 1 5  ? -5.180  -6.013  6.773   1.00 71.29  ? 5   DG  A "O4'" 1 
ATOM   86  C  "C3'" . DG  A 1 5  ? -5.093  -5.267  9.027   1.00 68.20  ? 5   DG  A "C3'" 1 
ATOM   87  O  "O3'" . DG  A 1 5  ? -3.780  -5.550  9.512   1.00 73.86  ? 5   DG  A "O3'" 1 
ATOM   88  C  "C2'" . DG  A 1 5  ? -4.889  -4.108  8.069   1.00 65.62  ? 5   DG  A "C2'" 1 
ATOM   89  C  "C1'" . DG  A 1 5  ? -4.349  -4.858  6.870   1.00 65.70  ? 5   DG  A "C1'" 1 
ATOM   90  N  N9    . DG  A 1 5  ? -4.385  -4.153  5.591   1.00 61.47  ? 5   DG  A N9    1 
ATOM   91  C  C8    . DG  A 1 5  ? -5.279  -3.183  5.212   1.00 59.42  ? 5   DG  A C8    1 
ATOM   92  N  N7    . DG  A 1 5  ? -5.057  -2.722  4.011   1.00 55.92  ? 5   DG  A N7    1 
ATOM   93  C  C5    . DG  A 1 5  ? -3.949  -3.430  3.570   1.00 55.36  ? 5   DG  A C5    1 
ATOM   94  C  C6    . DG  A 1 5  ? -3.247  -3.360  2.336   1.00 57.95  ? 5   DG  A C6    1 
ATOM   95  O  O6    . DG  A 1 5  ? -3.492  -2.654  1.346   1.00 52.42  ? 5   DG  A O6    1 
ATOM   96  N  N1    . DG  A 1 5  ? -2.178  -4.252  2.303   1.00 59.83  ? 5   DG  A N1    1 
ATOM   97  C  C2    . DG  A 1 5  ? -1.825  -5.098  3.329   1.00 60.18  ? 5   DG  A C2    1 
ATOM   98  N  N2    . DG  A 1 5  ? -0.756  -5.879  3.108   1.00 58.37  ? 5   DG  A N2    1 
ATOM   99  N  N3    . DG  A 1 5  ? -2.477  -5.176  4.483   1.00 55.95  ? 5   DG  A N3    1 
ATOM   100 C  C4    . DG  A 1 5  ? -3.524  -4.322  4.531   1.00 56.80  ? 5   DG  A C4    1 
ATOM   101 P  P     . DC  A 1 6  ? -3.535  -6.634  10.636  1.00 78.14  ? 6   DC  A P     1 
ATOM   102 O  OP1   . DC  A 1 6  ? -4.856  -7.205  11.002  1.00 77.41  ? 6   DC  A OP1   1 
ATOM   103 O  OP2   . DC  A 1 6  ? -2.675  -6.016  11.687  1.00 78.70  ? 6   DC  A OP2   1 
ATOM   104 O  "O5'" . DC  A 1 6  ? -2.639  -7.706  9.871   1.00 71.49  ? 6   DC  A "O5'" 1 
ATOM   105 C  "C5'" . DC  A 1 6  ? -1.632  -8.466  10.554  1.00 67.46  ? 6   DC  A "C5'" 1 
ATOM   106 C  "C4'" . DC  A 1 6  ? -0.645  -8.982  9.539   1.00 68.15  ? 6   DC  A "C4'" 1 
ATOM   107 O  "O4'" . DC  A 1 6  ? -1.363  -9.634  8.466   1.00 69.64  ? 6   DC  A "O4'" 1 
ATOM   108 C  "C3'" . DC  A 1 6  ? 0.199   -7.894  8.875   1.00 72.53  ? 6   DC  A "C3'" 1 
ATOM   109 O  "O3'" . DC  A 1 6  ? 1.541   -8.373  8.737   1.00 74.96  ? 6   DC  A "O3'" 1 
ATOM   110 C  "C2'" . DC  A 1 6  ? -0.473  -7.695  7.524   1.00 71.28  ? 6   DC  A "C2'" 1 
ATOM   111 C  "C1'" . DC  A 1 6  ? -0.944  -9.101  7.217   1.00 69.16  ? 6   DC  A "C1'" 1 
ATOM   112 N  N1    . DC  A 1 6  ? -2.058  -9.238  6.259   1.00 65.33  ? 6   DC  A N1    1 
ATOM   113 C  C2    . DC  A 1 6  ? -1.791  -9.166  4.884   1.00 66.60  ? 6   DC  A C2    1 
ATOM   114 O  O2    . DC  A 1 6  ? -0.625  -8.955  4.506   1.00 66.80  ? 6   DC  A O2    1 
ATOM   115 N  N3    . DC  A 1 6  ? -2.807  -9.321  4.004   1.00 65.47  ? 6   DC  A N3    1 
ATOM   116 C  C4    . DC  A 1 6  ? -4.048  -9.542  4.450   1.00 64.37  ? 6   DC  A C4    1 
ATOM   117 N  N4    . DC  A 1 6  ? -5.021  -9.690  3.547   1.00 61.53  ? 6   DC  A N4    1 
ATOM   118 C  C5    . DC  A 1 6  ? -4.349  -9.608  5.843   1.00 63.45  ? 6   DC  A C5    1 
ATOM   119 C  C6    . DC  A 1 6  ? -3.333  -9.458  6.703   1.00 63.97  ? 6   DC  A C6    1 
ATOM   120 P  P     . DT  A 1 7  ? 2.764   -7.391  8.954   1.00 79.03  ? 7   DT  A P     1 
ATOM   121 O  OP1   . DT  A 1 7  ? 4.003   -8.216  9.035   1.00 78.54  ? 7   DT  A OP1   1 
ATOM   122 O  OP2   . DT  A 1 7  ? 2.414   -6.482  10.078  1.00 74.15  ? 7   DT  A OP2   1 
ATOM   123 O  "O5'" . DT  A 1 7  ? 2.814   -6.588  7.574   1.00 79.79  ? 7   DT  A "O5'" 1 
ATOM   124 C  "C5'" . DT  A 1 7  ? 3.516   -7.122  6.428   1.00 78.92  ? 7   DT  A "C5'" 1 
ATOM   125 C  "C4'" . DT  A 1 7  ? 3.526   -6.139  5.280   1.00 78.67  ? 7   DT  A "C4'" 1 
ATOM   126 O  "O4'" . DT  A 1 7  ? 2.171   -5.776  4.945   1.00 76.23  ? 7   DT  A "O4'" 1 
ATOM   127 C  "C3'" . DT  A 1 7  ? 4.247   -4.824  5.559   1.00 79.30  ? 7   DT  A "C3'" 1 
ATOM   128 O  "O3'" . DT  A 1 7  ? 5.592   -4.804  5.064   1.00 85.38  ? 7   DT  A "O3'" 1 
ATOM   129 C  "C2'" . DT  A 1 7  ? 3.456   -3.792  4.777   1.00 76.82  ? 7   DT  A "C2'" 1 
ATOM   130 C  "C1'" . DT  A 1 7  ? 2.104   -4.432  4.506   1.00 72.20  ? 7   DT  A "C1'" 1 
ATOM   131 N  N1    . DT  A 1 7  ? 0.958   -3.790  5.182   1.00 66.64  ? 7   DT  A N1    1 
ATOM   132 C  C2    . DT  A 1 7  ? 0.175   -2.925  4.452   1.00 66.33  ? 7   DT  A C2    1 
ATOM   133 O  O2    . DT  A 1 7  ? 0.398   -2.645  3.284   1.00 68.09  ? 7   DT  A O2    1 
ATOM   134 N  N3    . DT  A 1 7  ? -0.884  -2.394  5.139   1.00 64.81  ? 7   DT  A N3    1 
ATOM   135 C  C4    . DT  A 1 7  ? -1.226  -2.630  6.455   1.00 63.77  ? 7   DT  A C4    1 
ATOM   136 O  O4    . DT  A 1 7  ? -2.209  -2.078  6.938   1.00 63.52  ? 7   DT  A O4    1 
ATOM   137 C  C5    . DT  A 1 7  ? -0.356  -3.538  7.165   1.00 64.38  ? 7   DT  A C5    1 
ATOM   138 C  C7    . DT  A 1 7  ? -0.646  -3.847  8.599   1.00 65.14  ? 7   DT  A C7    1 
ATOM   139 C  C6    . DT  A 1 7  ? 0.677   -4.070  6.501   1.00 62.90  ? 7   DT  A C6    1 
ATOM   140 P  P     . DG  A 1 8  ? 6.591   -3.644  5.558   1.00 93.32  ? 8   DG  A P     1 
ATOM   141 O  OP1   . DG  A 1 8  ? 7.941   -4.242  5.712   1.00 90.69  ? 8   DG  A OP1   1 
ATOM   142 O  OP2   . DG  A 1 8  ? 5.951   -2.916  6.702   1.00 85.98  ? 8   DG  A OP2   1 
ATOM   143 O  "O5'" . DG  A 1 8  ? 6.579   -2.601  4.355   1.00 87.57  ? 8   DG  A "O5'" 1 
ATOM   144 C  "C5'" . DG  A 1 8  ? 6.852   -2.991  2.999   1.00 82.79  ? 8   DG  A "C5'" 1 
ATOM   145 C  "C4'" . DG  A 1 8  ? 6.953   -1.743  2.155   1.00 78.86  ? 8   DG  A "C4'" 1 
ATOM   146 O  "O4'" . DG  A 1 8  ? 5.646   -1.121  2.083   1.00 74.08  ? 8   DG  A "O4'" 1 
ATOM   147 C  "C3'" . DG  A 1 8  ? 7.906   -0.678  2.711   1.00 76.72  ? 8   DG  A "C3'" 1 
ATOM   148 O  "O3'" . DG  A 1 8  ? 8.754   -0.193  1.663   1.00 78.76  ? 8   DG  A "O3'" 1 
ATOM   149 C  "C2'" . DG  A 1 8  ? 6.975   0.373   3.298   1.00 76.04  ? 8   DG  A "C2'" 1 
ATOM   150 C  "C1'" . DG  A 1 8  ? 5.739   0.252   2.417   1.00 71.62  ? 8   DG  A "C1'" 1 
ATOM   151 N  N9    . DG  A 1 8  ? 4.459   0.654   2.994   1.00 64.48  ? 8   DG  A N9    1 
ATOM   152 C  C8    . DG  A 1 8  ? 3.845   0.143   4.114   1.00 63.37  ? 8   DG  A C8    1 
ATOM   153 N  N7    . DG  A 1 8  ? 2.677   0.681   4.346   1.00 62.22  ? 8   DG  A N7    1 
ATOM   154 C  C5    . DG  A 1 8  ? 2.509   1.596   3.315   1.00 60.45  ? 8   DG  A C5    1 
ATOM   155 C  C6    . DG  A 1 8  ? 1.424   2.473   3.024   1.00 61.96  ? 8   DG  A C6    1 
ATOM   156 O  O6    . DG  A 1 8  ? 0.365   2.635   3.654   1.00 61.06  ? 8   DG  A O6    1 
ATOM   157 N  N1    . DG  A 1 8  ? 1.665   3.219   1.874   1.00 60.88  ? 8   DG  A N1    1 
ATOM   158 C  C2    . DG  A 1 8  ? 2.794   3.129   1.097   1.00 60.82  ? 8   DG  A C2    1 
ATOM   159 N  N2    . DG  A 1 8  ? 2.845   3.934   0.027   1.00 61.24  ? 8   DG  A N2    1 
ATOM   160 N  N3    . DG  A 1 8  ? 3.803   2.313   1.352   1.00 60.77  ? 8   DG  A N3    1 
ATOM   161 C  C4    . DG  A 1 8  ? 3.594   1.582   2.466   1.00 60.09  ? 8   DG  A C4    1 
ATOM   162 P  P     . DC  A 1 9  ? 10.242  0.340   1.994   1.00 84.22  ? 9   DC  A P     1 
ATOM   163 O  OP1   . DC  A 1 9  ? 10.921  0.643   0.710   1.00 82.34  ? 9   DC  A OP1   1 
ATOM   164 O  OP2   . DC  A 1 9  ? 10.884  -0.579  2.975   1.00 82.67  ? 9   DC  A OP2   1 
ATOM   165 O  "O5'" . DC  A 1 9  ? 9.954   1.714   2.736   1.00 85.11  ? 9   DC  A "O5'" 1 
ATOM   166 C  "C5'" . DC  A 1 9  ? 10.981  2.409   3.460   1.00 82.40  ? 9   DC  A "C5'" 1 
ATOM   167 C  "C4'" . DC  A 1 9  ? 10.704  3.895   3.397   1.00 82.05  ? 9   DC  A "C4'" 1 
ATOM   168 O  "O4'" . DC  A 1 9  ? 9.367   4.172   3.878   1.00 78.15  ? 9   DC  A "O4'" 1 
ATOM   169 C  "C3'" . DC  A 1 9  ? 11.660  4.765   4.223   1.00 79.78  ? 9   DC  A "C3'" 1 
ATOM   170 O  "O3'" . DC  A 1 9  ? 12.344  5.752   3.438   1.00 82.34  ? 9   DC  A "O3'" 1 
ATOM   171 C  "C2'" . DC  A 1 9  ? 10.755  5.463   5.225   1.00 76.67  ? 9   DC  A "C2'" 1 
ATOM   172 C  "C1'" . DC  A 1 9  ? 9.375   5.381   4.595   1.00 71.75  ? 9   DC  A "C1'" 1 
ATOM   173 N  N1    . DC  A 1 9  ? 8.279   5.334   5.571   1.00 65.25  ? 9   DC  A N1    1 
ATOM   174 C  C2    . DC  A 1 9  ? 7.170   6.167   5.388   1.00 61.90  ? 9   DC  A C2    1 
ATOM   175 O  O2    . DC  A 1 9  ? 7.134   6.907   4.397   1.00 60.32  ? 9   DC  A O2    1 
ATOM   176 N  N3    . DC  A 1 9  ? 6.170   6.148   6.298   1.00 60.04  ? 9   DC  A N3    1 
ATOM   177 C  C4    . DC  A 1 9  ? 6.252   5.345   7.361   1.00 61.21  ? 9   DC  A C4    1 
ATOM   178 N  N4    . DC  A 1 9  ? 5.239   5.357   8.232   1.00 61.85  ? 9   DC  A N4    1 
ATOM   179 C  C5    . DC  A 1 9  ? 7.373   4.491   7.578   1.00 59.86  ? 9   DC  A C5    1 
ATOM   180 C  C6    . DC  A 1 9  ? 8.349   4.510   6.662   1.00 61.13  ? 9   DC  A C6    1 
ATOM   181 P  P     . DA  A 1 10 ? 13.274  5.334   2.189   1.00 89.77  ? 10  DA  A P     1 
ATOM   182 O  OP1   . DA  A 1 10 ? 12.396  4.879   1.076   1.00 89.90  ? 10  DA  A OP1   1 
ATOM   183 O  OP2   . DA  A 1 10 ? 14.401  4.479   2.678   1.00 88.00  ? 10  DA  A OP2   1 
ATOM   184 O  "O5'" . DA  A 1 10 ? 13.779  6.742   1.664   1.00 85.72  ? 10  DA  A "O5'" 1 
ATOM   185 C  "C5'" . DA  A 1 10 ? 12.812  7.689   1.199   1.00 88.44  ? 10  DA  A "C5'" 1 
ATOM   186 C  "C4'" . DA  A 1 10 ? 13.521  8.970   0.852   1.00 88.93  ? 10  DA  A "C4'" 1 
ATOM   187 O  "O4'" . DA  A 1 10 ? 13.279  9.957   1.875   1.00 90.29  ? 10  DA  A "O4'" 1 
ATOM   188 C  "C3'" . DA  A 1 10 ? 15.036  8.821   0.763   1.00 88.73  ? 10  DA  A "C3'" 1 
ATOM   189 O  "O3'" . DA  A 1 10 ? 15.410  9.481   -0.463  1.00 91.90  ? 10  DA  A "O3'" 1 
ATOM   190 C  "C2'" . DA  A 1 10 ? 15.509  9.182   2.172   1.00 84.94  ? 10  DA  A "C2'" 1 
ATOM   191 C  "C1'" . DA  A 1 10 ? 14.360  9.990   2.797   1.00 85.38  ? 10  DA  A "C1'" 1 
ATOM   192 N  N9    . DA  A 1 10 ? 13.836  9.591   4.114   1.00 80.20  ? 10  DA  A N9    1 
ATOM   193 C  C8    . DA  A 1 10 ? 14.074  8.457   4.852   1.00 75.00  ? 10  DA  A C8    1 
ATOM   194 N  N7    . DA  A 1 10 ? 13.416  8.419   5.987   1.00 71.57  ? 10  DA  A N7    1 
ATOM   195 C  C5    . DA  A 1 10 ? 12.691  9.604   5.995   1.00 75.27  ? 10  DA  A C5    1 
ATOM   196 C  C6    . DA  A 1 10 ? 11.797  10.166  6.928   1.00 74.60  ? 10  DA  A C6    1 
ATOM   197 N  N6    . DA  A 1 10 ? 11.471  9.587   8.088   1.00 74.87  ? 10  DA  A N6    1 
ATOM   198 N  N1    . DA  A 1 10 ? 11.254  11.368  6.634   1.00 73.96  ? 10  DA  A N1    1 
ATOM   199 C  C2    . DA  A 1 10 ? 11.590  11.958  5.480   1.00 77.18  ? 10  DA  A C2    1 
ATOM   200 N  N3    . DA  A 1 10 ? 12.407  11.525  4.518   1.00 78.40  ? 10  DA  A N3    1 
ATOM   201 C  C4    . DA  A 1 10 ? 12.937  10.333  4.844   1.00 77.99  ? 10  DA  A C4    1 
ATOM   202 P  P     . DA  A 1 11 ? 16.428  10.701  -0.508  1.00 87.33  ? 11  DA  A P     1 
ATOM   203 O  OP1   . DA  A 1 11 ? 16.287  11.448  0.750   1.00 95.20  ? 11  DA  A OP1   1 
ATOM   204 O  OP2   . DA  A 1 11 ? 16.213  11.420  -1.786  1.00 82.85  ? 11  DA  A OP2   1 
ATOM   205 O  "O5'" . DA  A 1 11 ? 17.832  9.954   -0.557  1.00 86.76  ? 11  DA  A "O5'" 1 
ATOM   206 C  "C5'" . DA  A 1 11 ? 19.053  10.639  -0.882  1.00 87.33  ? 11  DA  A "C5'" 1 
ATOM   207 C  "C4'" . DA  A 1 11 ? 20.192  10.002  -0.126  1.00 85.34  ? 11  DA  A "C4'" 1 
ATOM   208 O  "O4'" . DA  A 1 11 ? 20.773  10.987  0.770   1.00 88.30  ? 11  DA  A "O4'" 1 
ATOM   209 C  "C3'" . DA  A 1 11 ? 19.745  8.839   0.763   1.00 84.14  ? 11  DA  A "C3'" 1 
ATOM   210 O  "O3'" . DA  A 1 11 ? 20.745  7.827   0.865   1.00 79.05  ? 11  DA  A "O3'" 1 
ATOM   211 C  "C2'" . DA  A 1 11 ? 19.544  9.511   2.106   1.00 88.89  ? 11  DA  A "C2'" 1 
ATOM   212 C  "C1'" . DA  A 1 11 ? 20.698  10.496  2.107   1.00 92.89  ? 11  DA  A "C1'" 1 
ATOM   213 N  N9    . DA  A 1 11 ? 20.588  11.632  3.041   1.00 94.05  ? 11  DA  A N9    1 
ATOM   214 C  C8    . DA  A 1 11 ? 20.996  11.621  4.355   1.00 92.55  ? 11  DA  A C8    1 
ATOM   215 N  N7    . DA  A 1 11 ? 20.792  12.753  4.985   1.00 87.60  ? 11  DA  A N7    1 
ATOM   216 C  C5    . DA  A 1 11 ? 20.215  13.568  4.021   1.00 90.60  ? 11  DA  A C5    1 
ATOM   217 C  C6    . DA  A 1 11 ? 19.771  14.897  4.059   1.00 87.84  ? 11  DA  A C6    1 
ATOM   218 N  N6    . DA  A 1 11 ? 19.834  15.666  5.143   1.00 88.75  ? 11  DA  A N6    1 
ATOM   219 N  N1    . DA  A 1 11 ? 19.253  15.419  2.925   1.00 93.19  ? 11  DA  A N1    1 
ATOM   220 C  C2    . DA  A 1 11 ? 19.185  14.642  1.834   1.00 92.70  ? 11  DA  A C2    1 
ATOM   221 N  N3    . DA  A 1 11 ? 19.565  13.376  1.677   1.00 90.43  ? 11  DA  A N3    1 
ATOM   222 C  C4    . DA  A 1 11 ? 20.080  12.890  2.820   1.00 92.38  ? 11  DA  A C4    1 
ATOM   223 O  "O5'" . DC  B 1 1  ? -5.278  -20.673 -9.309  1.00 76.79  ? 1   DC  B "O5'" 1 
ATOM   224 C  "C5'" . DC  B 1 1  ? -4.116  -20.819 -10.148 1.00 76.21  ? 1   DC  B "C5'" 1 
ATOM   225 C  "C4'" . DC  B 1 1  ? -4.028  -19.647 -11.094 1.00 76.14  ? 1   DC  B "C4'" 1 
ATOM   226 O  "O4'" . DC  B 1 1  ? -5.329  -19.449 -11.694 1.00 74.33  ? 1   DC  B "O4'" 1 
ATOM   227 C  "C3'" . DC  B 1 1  ? -3.678  -18.323 -10.413 1.00 78.87  ? 1   DC  B "C3'" 1 
ATOM   228 O  "O3'" . DC  B 1 1  ? -2.253  -18.097 -10.381 1.00 77.59  ? 1   DC  B "O3'" 1 
ATOM   229 C  "C2'" . DC  B 1 1  ? -4.439  -17.288 -11.232 1.00 77.87  ? 1   DC  B "C2'" 1 
ATOM   230 C  "C1'" . DC  B 1 1  ? -5.621  -18.058 -11.834 1.00 72.81  ? 1   DC  B "C1'" 1 
ATOM   231 N  N1    . DC  B 1 1  ? -6.944  -17.799 -11.218 1.00 62.52  ? 1   DC  B N1    1 
ATOM   232 C  C2    . DC  B 1 1  ? -7.796  -16.859 -11.810 1.00 60.58  ? 1   DC  B C2    1 
ATOM   233 O  O2    . DC  B 1 1  ? -7.411  -16.254 -12.822 1.00 59.89  ? 1   DC  B O2    1 
ATOM   234 N  N3    . DC  B 1 1  ? -9.008  -16.624 -11.258 1.00 60.09  ? 1   DC  B N3    1 
ATOM   235 C  C4    . DC  B 1 1  ? -9.380  -17.287 -10.157 1.00 60.27  ? 1   DC  B C4    1 
ATOM   236 N  N4    . DC  B 1 1  ? -10.581 -17.013 -9.638  1.00 61.98  ? 1   DC  B N4    1 
ATOM   237 C  C5    . DC  B 1 1  ? -8.527  -18.237 -9.525  1.00 57.43  ? 1   DC  B C5    1 
ATOM   238 C  C6    . DC  B 1 1  ? -7.332  -18.467 -10.088 1.00 59.60  ? 1   DC  B C6    1 
ATOM   239 P  P     . DC  B 1 2  ? -1.536  -17.573 -9.028  1.00 78.12  ? 2   DC  B P     1 
ATOM   240 O  OP1   . DC  B 1 2  ? -0.207  -18.226 -8.917  1.00 75.25  ? 2   DC  B OP1   1 
ATOM   241 O  OP2   . DC  B 1 2  ? -2.510  -17.684 -7.904  1.00 72.56  ? 2   DC  B OP2   1 
ATOM   242 O  "O5'" . DC  B 1 2  ? -1.303  -16.023 -9.319  1.00 76.86  ? 2   DC  B "O5'" 1 
ATOM   243 C  "C5'" . DC  B 1 2  ? -0.990  -15.534 -10.636 1.00 76.76  ? 2   DC  B "C5'" 1 
ATOM   244 C  "C4'" . DC  B 1 2  ? -1.151  -14.032 -10.690 1.00 75.49  ? 2   DC  B "C4'" 1 
ATOM   245 O  "O4'" . DC  B 1 2  ? -2.557  -13.703 -10.683 1.00 72.13  ? 2   DC  B "O4'" 1 
ATOM   246 C  "C3'" . DC  B 1 2  ? -0.549  -13.263 -9.516  1.00 77.00  ? 2   DC  B "C3'" 1 
ATOM   247 O  "O3'" . DC  B 1 2  ? 0.777   -12.812 -9.808  1.00 84.22  ? 2   DC  B "O3'" 1 
ATOM   248 C  "C2'" . DC  B 1 2  ? -1.419  -12.025 -9.445  1.00 77.24  ? 2   DC  B "C2'" 1 
ATOM   249 C  "C1'" . DC  B 1 2  ? -2.763  -12.465 -10.017 1.00 71.31  ? 2   DC  B "C1'" 1 
ATOM   250 N  N1    . DC  B 1 2  ? -3.810  -12.655 -8.996  1.00 63.73  ? 2   DC  B N1    1 
ATOM   251 C  C2    . DC  B 1 2  ? -4.943  -11.831 -9.035  1.00 64.14  ? 2   DC  B C2    1 
ATOM   252 O  O2    . DC  B 1 2  ? -5.037  -10.981 -9.935  1.00 66.31  ? 2   DC  B O2    1 
ATOM   253 N  N3    . DC  B 1 2  ? -5.906  -11.987 -8.096  1.00 60.59  ? 2   DC  B N3    1 
ATOM   254 C  C4    . DC  B 1 2  ? -5.757  -12.901 -7.135  1.00 61.15  ? 2   DC  B C4    1 
ATOM   255 N  N4    . DC  B 1 2  ? -6.735  -13.021 -6.232  1.00 61.13  ? 2   DC  B N4    1 
ATOM   256 C  C5    . DC  B 1 2  ? -4.603  -13.739 -7.061  1.00 58.85  ? 2   DC  B C5    1 
ATOM   257 C  C6    . DC  B 1 2  ? -3.662  -13.580 -8.000  1.00 58.13  ? 2   DC  B C6    1 
ATOM   258 P  P     . DA  B 1 3  ? 1.908   -12.715 -8.666  1.00 86.27  ? 3   DA  B P     1 
ATOM   259 O  OP1   . DA  B 1 3  ? 3.074   -13.527 -9.112  1.00 90.83  ? 3   DA  B OP1   1 
ATOM   260 O  OP2   . DA  B 1 3  ? 1.289   -12.945 -7.330  1.00 87.09  ? 3   DA  B OP2   1 
ATOM   261 O  "O5'" . DA  B 1 3  ? 2.324   -11.189 -8.738  1.00 82.10  ? 3   DA  B "O5'" 1 
ATOM   262 C  "C5'" . DA  B 1 3  ? 1.471   -10.210 -8.164  1.00 79.21  ? 3   DA  B "C5'" 1 
ATOM   263 C  "C4'" . DA  B 1 3  ? 1.354   -9.029  -9.093  1.00 76.95  ? 3   DA  B "C4'" 1 
ATOM   264 O  "O4'" . DA  B 1 3  ? 0.084   -8.388  -8.854  1.00 74.58  ? 3   DA  B "O4'" 1 
ATOM   265 C  "C3'" . DA  B 1 3  ? 2.390   -7.948  -8.825  1.00 75.04  ? 3   DA  B "C3'" 1 
ATOM   266 O  "O3'" . DA  B 1 3  ? 2.553   -7.158  -10.005 1.00 77.46  ? 3   DA  B "O3'" 1 
ATOM   267 C  "C2'" . DA  B 1 3  ? 1.760   -7.179  -7.680  1.00 72.45  ? 3   DA  B "C2'" 1 
ATOM   268 C  "C1'" . DA  B 1 3  ? 0.261   -7.283  -7.976  1.00 69.53  ? 3   DA  B "C1'" 1 
ATOM   269 N  N9    . DA  B 1 3  ? -0.638  -7.462  -6.831  1.00 65.89  ? 3   DA  B N9    1 
ATOM   270 C  C8    . DA  B 1 3  ? -1.765  -6.718  -6.574  1.00 65.58  ? 3   DA  B C8    1 
ATOM   271 N  N7    . DA  B 1 3  ? -2.399  -7.074  -5.483  1.00 63.72  ? 3   DA  B N7    1 
ATOM   272 C  C5    . DA  B 1 3  ? -1.645  -8.128  -4.991  1.00 61.73  ? 3   DA  B C5    1 
ATOM   273 C  C6    . DA  B 1 3  ? -1.791  -8.941  -3.854  1.00 60.39  ? 3   DA  B C6    1 
ATOM   274 N  N6    . DA  B 1 3  ? -2.793  -8.814  -2.981  1.00 62.13  ? 3   DA  B N6    1 
ATOM   275 N  N1    . DA  B 1 3  ? -0.854  -9.885  -3.632  1.00 59.19  ? 3   DA  B N1    1 
ATOM   276 C  C2    . DA  B 1 3  ? 0.154   -10.006 -4.506  1.00 62.28  ? 3   DA  B C2    1 
ATOM   277 N  N3    . DA  B 1 3  ? 0.392   -9.308  -5.618  1.00 59.93  ? 3   DA  B N3    1 
ATOM   278 C  C4    . DA  B 1 3  ? -0.554  -8.376  -5.806  1.00 61.83  ? 3   DA  B C4    1 
ATOM   279 P  P     . DG  B 1 4  ? 3.776   -6.129  -10.139 1.00 80.32  ? 4   DG  B P     1 
ATOM   280 O  OP1   . DG  B 1 4  ? 4.132   -6.043  -11.582 1.00 80.60  ? 4   DG  B OP1   1 
ATOM   281 O  OP2   . DG  B 1 4  ? 4.816   -6.499  -9.128  1.00 75.69  ? 4   DG  B OP2   1 
ATOM   282 O  "O5'" . DG  B 1 4  ? 3.087   -4.736  -9.793  1.00 75.57  ? 4   DG  B "O5'" 1 
ATOM   283 C  "C5'" . DG  B 1 4  ? 2.019   -4.262  -10.636 1.00 75.89  ? 4   DG  B "C5'" 1 
ATOM   284 C  "C4'" . DG  B 1 4  ? 1.573   -2.866  -10.256 1.00 73.84  ? 4   DG  B "C4'" 1 
ATOM   285 O  "O4'" . DG  B 1 4  ? 0.457   -2.925  -9.343  1.00 72.43  ? 4   DG  B "O4'" 1 
ATOM   286 C  "C3'" . DG  B 1 4  ? 2.604   -1.934  -9.595  1.00 71.63  ? 4   DG  B "C3'" 1 
ATOM   287 O  "O3'" . DG  B 1 4  ? 2.850   -0.881  -10.545 1.00 72.48  ? 4   DG  B "O3'" 1 
ATOM   288 C  "C2'" . DG  B 1 4  ? 1.927   -1.492  -8.301  1.00 67.78  ? 4   DG  B "C2'" 1 
ATOM   289 C  "C1'" . DG  B 1 4  ? 0.469   -1.702  -8.653  1.00 67.40  ? 4   DG  B "C1'" 1 
ATOM   290 N  N9    . DG  B 1 4  ? -0.493  -1.786  -7.561  1.00 64.70  ? 4   DG  B N9    1 
ATOM   291 C  C8    . DG  B 1 4  ? -1.593  -0.982  -7.396  1.00 64.31  ? 4   DG  B C8    1 
ATOM   292 N  N7    . DG  B 1 4  ? -2.292  -1.280  -6.335  1.00 61.25  ? 4   DG  B N7    1 
ATOM   293 C  C5    . DG  B 1 4  ? -1.621  -2.355  -5.773  1.00 60.41  ? 4   DG  B C5    1 
ATOM   294 C  C6    . DG  B 1 4  ? -1.900  -3.097  -4.596  1.00 61.19  ? 4   DG  B C6    1 
ATOM   295 O  O6    . DG  B 1 4  ? -2.826  -2.940  -3.787  1.00 56.49  ? 4   DG  B O6    1 
ATOM   296 N  N1    . DG  B 1 4  ? -0.967  -4.110  -4.395  1.00 60.31  ? 4   DG  B N1    1 
ATOM   297 C  C2    . DG  B 1 4  ? 0.108   -4.365  -5.215  1.00 59.22  ? 4   DG  B C2    1 
ATOM   298 N  N2    . DG  B 1 4  ? 0.904   -5.380  -4.850  1.00 58.80  ? 4   DG  B N2    1 
ATOM   299 N  N3    . DG  B 1 4  ? 0.388   -3.668  -6.305  1.00 59.63  ? 4   DG  B N3    1 
ATOM   300 C  C4    . DG  B 1 4  ? -0.511  -2.687  -6.522  1.00 60.02  ? 4   DG  B C4    1 
ATOM   301 P  P     . DG  B 1 5  ? 3.867   0.331   -10.225 1.00 68.57  ? 5   DG  B P     1 
ATOM   302 O  OP1   . DG  B 1 5  ? 4.139   1.036   -11.501 1.00 64.76  ? 5   DG  B OP1   1 
ATOM   303 O  OP2   . DG  B 1 5  ? 4.997   -0.192  -9.402  1.00 66.71  ? 5   DG  B OP2   1 
ATOM   304 O  "O5'" . DG  B 1 5  ? 2.948   1.313   -9.385  1.00 68.85  ? 5   DG  B "O5'" 1 
ATOM   305 C  "C5'" . DG  B 1 5  ? 1.756   1.812   -10.009 1.00 69.28  ? 5   DG  B "C5'" 1 
ATOM   306 C  "C4'" . DG  B 1 5  ? 0.927   2.541   -8.985  1.00 71.13  ? 5   DG  B "C4'" 1 
ATOM   307 O  "O4'" . DG  B 1 5  ? 0.501   1.604   -7.964  1.00 70.78  ? 5   DG  B "O4'" 1 
ATOM   308 C  "C3'" . DG  B 1 5  ? 1.680   3.654   -8.244  1.00 74.92  ? 5   DG  B "C3'" 1 
ATOM   309 O  "O3'" . DG  B 1 5  ? 0.824   4.791   -8.124  1.00 78.39  ? 5   DG  B "O3'" 1 
ATOM   310 C  "C2'" . DG  B 1 5  ? 1.888   3.078   -6.853  1.00 74.69  ? 5   DG  B "C2'" 1 
ATOM   311 C  "C1'" . DG  B 1 5  ? 0.613   2.282   -6.731  1.00 71.79  ? 5   DG  B "C1'" 1 
ATOM   312 N  N9    . DG  B 1 5  ? 0.532   1.304   -5.656  1.00 68.38  ? 5   DG  B N9    1 
ATOM   313 C  C8    . DG  B 1 5  ? 1.452   0.349   -5.296  1.00 68.67  ? 5   DG  B C8    1 
ATOM   314 N  N7    . DG  B 1 5  ? 1.068   -0.370  -4.275  1.00 64.19  ? 5   DG  B N7    1 
ATOM   315 C  C5    . DG  B 1 5  ? -0.179  0.142   -3.945  1.00 62.76  ? 5   DG  B C5    1 
ATOM   316 C  C6    . DG  B 1 5  ? -1.075  -0.223  -2.915  1.00 63.56  ? 5   DG  B C6    1 
ATOM   317 O  O6    . DG  B 1 5  ? -0.960  -1.128  -2.080  1.00 68.36  ? 5   DG  B O6    1 
ATOM   318 N  N1    . DG  B 1 5  ? -2.226  0.559   -2.935  1.00 64.35  ? 5   DG  B N1    1 
ATOM   319 C  C2    . DG  B 1 5  ? -2.473  1.574   -3.827  1.00 64.53  ? 5   DG  B C2    1 
ATOM   320 N  N2    . DG  B 1 5  ? -3.636  2.223   -3.683  1.00 65.34  ? 5   DG  B N2    1 
ATOM   321 N  N3    . DG  B 1 5  ? -1.644  1.925   -4.792  1.00 62.20  ? 5   DG  B N3    1 
ATOM   322 C  C4    . DG  B 1 5  ? -0.522  1.175   -4.788  1.00 64.15  ? 5   DG  B C4    1 
ATOM   323 P  P     . DC  B 1 6  ? 1.103   6.121   -8.945  1.00 78.26  ? 6   DC  B P     1 
ATOM   324 O  OP1   . DC  B 1 6  ? 0.151   6.176   -10.090 1.00 78.77  ? 6   DC  B OP1   1 
ATOM   325 O  OP2   . DC  B 1 6  ? 2.556   6.208   -9.195  1.00 83.14  ? 6   DC  B OP2   1 
ATOM   326 O  "O5'" . DC  B 1 6  ? 0.787   7.223   -7.848  1.00 77.43  ? 6   DC  B "O5'" 1 
ATOM   327 C  "C5'" . DC  B 1 6  ? -0.539  7.719   -7.660  1.00 74.85  ? 6   DC  B "C5'" 1 
ATOM   328 C  "C4'" . DC  B 1 6  ? -1.032  7.455   -6.256  1.00 72.15  ? 6   DC  B "C4'" 1 
ATOM   329 O  "O4'" . DC  B 1 6  ? -2.440  7.764   -6.269  1.00 72.80  ? 6   DC  B "O4'" 1 
ATOM   330 C  "C3'" . DC  B 1 6  ? -0.992  6.008   -5.793  1.00 70.77  ? 6   DC  B "C3'" 1 
ATOM   331 O  "O3'" . DC  B 1 6  ? -1.432  5.926   -4.429  1.00 70.30  ? 6   DC  B "O3'" 1 
ATOM   332 C  "C2'" . DC  B 1 6  ? -2.144  5.427   -6.585  1.00 72.01  ? 6   DC  B "C2'" 1 
ATOM   333 C  "C1'" . DC  B 1 6  ? -3.172  6.564   -6.496  1.00 70.62  ? 6   DC  B "C1'" 1 
ATOM   334 N  N1    . DC  B 1 6  ? -4.032  6.775   -7.677  1.00 70.78  ? 6   DC  B N1    1 
ATOM   335 C  C2    . DC  B 1 6  ? -5.387  7.053   -7.470  1.00 70.71  ? 6   DC  B C2    1 
ATOM   336 O  O2    . DC  B 1 6  ? -5.814  7.120   -6.308  1.00 70.07  ? 6   DC  B O2    1 
ATOM   337 N  N3    . DC  B 1 6  ? -6.196  7.245   -8.541  1.00 69.91  ? 6   DC  B N3    1 
ATOM   338 C  C4    . DC  B 1 6  ? -5.690  7.185   -9.777  1.00 69.55  ? 6   DC  B C4    1 
ATOM   339 N  N4    . DC  B 1 6  ? -6.523  7.378   -10.804 1.00 69.07  ? 6   DC  B N4    1 
ATOM   340 C  C5    . DC  B 1 6  ? -4.311  6.914   -10.015 1.00 69.45  ? 6   DC  B C5    1 
ATOM   341 C  C6    . DC  B 1 6  ? -3.527  6.712   -8.947  1.00 71.41  ? 6   DC  B C6    1 
ATOM   342 P  P     . DT  B 1 7  ? -0.484  5.354   -3.253  1.00 69.30  ? 7   DT  B P     1 
ATOM   343 O  OP1   . DT  B 1 7  ? 0.712   4.747   -3.872  1.00 69.02  ? 7   DT  B OP1   1 
ATOM   344 O  OP2   . DT  B 1 7  ? -1.313  4.524   -2.344  1.00 69.77  ? 7   DT  B OP2   1 
ATOM   345 O  "O5'" . DT  B 1 7  ? -0.170  6.667   -2.406  1.00 75.01  ? 7   DT  B "O5'" 1 
ATOM   346 C  "C5'" . DT  B 1 7  ? 0.761   7.665   -2.867  1.00 78.74  ? 7   DT  B "C5'" 1 
ATOM   347 C  "C4'" . DT  B 1 7  ? 0.220   9.072   -2.715  1.00 78.96  ? 7   DT  B "C4'" 1 
ATOM   348 O  "O4'" . DT  B 1 7  ? -0.753  9.373   -3.741  1.00 78.13  ? 7   DT  B "O4'" 1 
ATOM   349 C  "C3'" . DT  B 1 7  ? -0.435  9.450   -1.380  1.00 78.96  ? 7   DT  B "C3'" 1 
ATOM   350 O  "O3'" . DT  B 1 7  ? 0.287   10.580  -0.865  1.00 81.68  ? 7   DT  B "O3'" 1 
ATOM   351 C  "C2'" . DT  B 1 7  ? -1.853  9.854   -1.768  1.00 76.50  ? 7   DT  B "C2'" 1 
ATOM   352 C  "C1'" . DT  B 1 7  ? -1.681  10.289  -3.214  1.00 73.08  ? 7   DT  B "C1'" 1 
ATOM   353 N  N1    . DT  B 1 7  ? -2.863  10.281  -4.099  1.00 68.78  ? 7   DT  B N1    1 
ATOM   354 C  C2    . DT  B 1 7  ? -2.672  10.667  -5.409  1.00 69.13  ? 7   DT  B C2    1 
ATOM   355 O  O2    . DT  B 1 7  ? -1.587  11.010  -5.852  1.00 67.73  ? 7   DT  B O2    1 
ATOM   356 N  N3    . DT  B 1 7  ? -3.804  10.637  -6.185  1.00 68.84  ? 7   DT  B N3    1 
ATOM   357 C  C4    . DT  B 1 7  ? -5.080  10.277  -5.792  1.00 71.85  ? 7   DT  B C4    1 
ATOM   358 O  O4    . DT  B 1 7  ? -6.005  10.302  -6.605  1.00 68.65  ? 7   DT  B O4    1 
ATOM   359 C  C5    . DT  B 1 7  ? -5.206  9.875   -4.409  1.00 74.66  ? 7   DT  B C5    1 
ATOM   360 C  C7    . DT  B 1 7  ? -6.546  9.446   -3.897  1.00 77.43  ? 7   DT  B C7    1 
ATOM   361 C  C6    . DT  B 1 7  ? -4.105  9.897   -3.642  1.00 70.20  ? 7   DT  B C6    1 
ATOM   362 P  P     . DG  B 1 8  ? 1.185   10.473  0.471   1.00 85.27  ? 8   DG  B P     1 
ATOM   363 O  OP1   . DG  B 1 8  ? 2.308   11.436  0.347   1.00 85.51  ? 8   DG  B OP1   1 
ATOM   364 O  OP2   . DG  B 1 8  ? 1.454   9.038   0.800   1.00 75.07  ? 8   DG  B OP2   1 
ATOM   365 O  "O5'" . DG  B 1 8  ? 0.210   11.059  1.574   1.00 82.30  ? 8   DG  B "O5'" 1 
ATOM   366 C  "C5'" . DG  B 1 8  ? -0.651  12.161  1.263   1.00 82.08  ? 8   DG  B "C5'" 1 
ATOM   367 C  "C4'" . DG  B 1 8  ? -1.782  12.171  2.260   1.00 84.21  ? 8   DG  B "C4'" 1 
ATOM   368 O  "O4'" . DG  B 1 8  ? -2.943  11.573  1.654   1.00 83.77  ? 8   DG  B "O4'" 1 
ATOM   369 C  "C3'" . DG  B 1 8  ? -1.475  11.381  3.537   1.00 84.82  ? 8   DG  B "C3'" 1 
ATOM   370 O  "O3'" . DG  B 1 8  ? -1.165  12.369  4.555   1.00 87.32  ? 8   DG  B "O3'" 1 
ATOM   371 C  "C2'" . DG  B 1 8  ? -2.526  10.272  3.590   1.00 81.25  ? 8   DG  B "C2'" 1 
ATOM   372 C  "C1'" . DG  B 1 8  ? -3.537  10.596  2.488   1.00 82.00  ? 8   DG  B "C1'" 1 
ATOM   373 N  N9    . DG  B 1 8  ? -3.992  9.523   1.607   1.00 78.89  ? 8   DG  B N9    1 
ATOM   374 C  C8    . DG  B 1 8  ? -3.216  8.582   0.980   1.00 76.61  ? 8   DG  B C8    1 
ATOM   375 N  N7    . DG  B 1 8  ? -3.894  7.821   0.165   1.00 74.06  ? 8   DG  B N7    1 
ATOM   376 C  C5    . DG  B 1 8  ? -5.184  8.327   0.213   1.00 75.43  ? 8   DG  B C5    1 
ATOM   377 C  C6    . DG  B 1 8  ? -6.363  7.916   -0.467  1.00 79.53  ? 8   DG  B C6    1 
ATOM   378 O  O6    . DG  B 1 8  ? -6.507  6.992   -1.276  1.00 83.39  ? 8   DG  B O6    1 
ATOM   379 N  N1    . DG  B 1 8  ? -7.455  8.703   -0.123  1.00 80.07  ? 8   DG  B N1    1 
ATOM   380 C  C2    . DG  B 1 8  ? -7.422  9.754   0.760   1.00 78.00  ? 8   DG  B C2    1 
ATOM   381 N  N2    . DG  B 1 8  ? -8.581  10.396  0.956   1.00 75.82  ? 8   DG  B N2    1 
ATOM   382 N  N3    . DG  B 1 8  ? -6.333  10.146  1.402   1.00 79.62  ? 8   DG  B N3    1 
ATOM   383 C  C4    . DG  B 1 8  ? -5.258  9.394   1.081   1.00 79.24  ? 8   DG  B C4    1 
ATOM   384 P  P     . DC  B 1 9  ? -2.177  12.812  5.714   1.00 81.23  ? 9   DC  B P     1 
ATOM   385 O  OP1   . DC  B 1 9  ? -3.546  12.896  5.176   1.00 82.44  ? 9   DC  B OP1   1 
ATOM   386 O  OP2   . DC  B 1 9  ? -1.582  13.981  6.379   1.00 85.21  ? 9   DC  B OP2   1 
ATOM   387 O  "O5'" . DC  B 1 9  ? -2.050  11.615  6.738   1.00 82.79  ? 9   DC  B "O5'" 1 
ATOM   388 C  "C5'" . DC  B 1 9  ? -0.823  10.905  6.728   1.00 81.32  ? 9   DC  B "C5'" 1 
ATOM   389 C  "C4'" . DC  B 1 9  ? -0.795  9.926   7.869   1.00 82.72  ? 9   DC  B "C4'" 1 
ATOM   390 O  "O4'" . DC  B 1 9  ? -0.014  8.789   7.449   1.00 81.48  ? 9   DC  B "O4'" 1 
ATOM   391 C  "C3'" . DC  B 1 9  ? -0.090  10.457  9.108   1.00 84.99  ? 9   DC  B "C3'" 1 
ATOM   392 O  "O3'" . DC  B 1 9  ? -0.569  9.708   10.233  1.00 93.58  ? 9   DC  B "O3'" 1 
ATOM   393 C  "C2'" . DC  B 1 9  ? 1.367   10.199  8.767   1.00 82.73  ? 9   DC  B "C2'" 1 
ATOM   394 C  "C1'" . DC  B 1 9  ? 1.301   8.891   7.977   1.00 78.82  ? 9   DC  B "C1'" 1 
ATOM   395 N  N1    . DC  B 1 9  ? 2.247   8.829   6.856   1.00 71.96  ? 9   DC  B N1    1 
ATOM   396 C  C2    . DC  B 1 9  ? 3.302   7.915   6.912   1.00 70.07  ? 9   DC  B C2    1 
ATOM   397 O  O2    . DC  B 1 9  ? 3.380   7.147   7.888   1.00 67.98  ? 9   DC  B O2    1 
ATOM   398 N  N3    . DC  B 1 9  ? 4.200   7.878   5.900   1.00 67.88  ? 9   DC  B N3    1 
ATOM   399 C  C4    . DC  B 1 9  ? 4.073   8.712   4.864   1.00 67.04  ? 9   DC  B C4    1 
ATOM   400 N  N4    . DC  B 1 9  ? 4.976   8.637   3.885   1.00 66.41  ? 9   DC  B N4    1 
ATOM   401 C  C5    . DC  B 1 9  ? 3.006   9.650   4.781   1.00 67.76  ? 9   DC  B C5    1 
ATOM   402 C  C6    . DC  B 1 9  ? 2.126   9.678   5.791   1.00 70.24  ? 9   DC  B C6    1 
ATOM   403 P  P     . DA  B 1 10 ? -0.411  10.265  11.729  1.00 94.54  ? 10  DA  B P     1 
ATOM   404 O  OP1   . DA  B 1 10 ? -0.704  9.136   12.665  1.00 91.75  ? 10  DA  B OP1   1 
ATOM   405 O  OP2   . DA  B 1 10 ? -1.156  11.553  11.828  1.00 96.16  ? 10  DA  B OP2   1 
ATOM   406 O  "O5'" . DA  B 1 10 ? 1.142   10.601  11.812  1.00 92.44  ? 10  DA  B "O5'" 1 
ATOM   407 C  "C5'" . DA  B 1 10 ? 1.619   11.894  12.187  1.00 82.15  ? 10  DA  B "C5'" 1 
ATOM   408 C  "C4'" . DA  B 1 10 ? 2.747   11.694  13.166  1.00 80.77  ? 10  DA  B "C4'" 1 
ATOM   409 O  "O4'" . DA  B 1 10 ? 3.928   11.252  12.459  1.00 74.95  ? 10  DA  B "O4'" 1 
ATOM   410 C  "C3'" . DA  B 1 10 ? 3.134   12.954  13.931  1.00 82.91  ? 10  DA  B "C3'" 1 
ATOM   411 O  "O3'" . DA  B 1 10 ? 3.345   12.669  15.317  1.00 91.75  ? 10  DA  B "O3'" 1 
ATOM   412 C  "C2'" . DA  B 1 10 ? 4.390   13.435  13.231  1.00 77.64  ? 10  DA  B "C2'" 1 
ATOM   413 C  "C1'" . DA  B 1 10 ? 4.992   12.171  12.637  1.00 73.01  ? 10  DA  B "C1'" 1 
ATOM   414 N  N9    . DA  B 1 10 ? 5.636   12.392  11.341  1.00 69.60  ? 10  DA  B N9    1 
ATOM   415 C  C8    . DA  B 1 10 ? 5.278   13.285  10.356  1.00 66.57  ? 10  DA  B C8    1 
ATOM   416 N  N7    . DA  B 1 10 ? 6.089   13.288  9.324   1.00 64.97  ? 10  DA  B N7    1 
ATOM   417 C  C5    . DA  B 1 10 ? 7.050   12.338  9.653   1.00 64.69  ? 10  DA  B C5    1 
ATOM   418 C  C6    . DA  B 1 10 ? 8.195   11.878  8.977   1.00 65.58  ? 10  DA  B C6    1 
ATOM   419 N  N6    . DA  B 1 10 ? 8.569   12.318  7.772   1.00 65.12  ? 10  DA  B N6    1 
ATOM   420 N  N1    . DA  B 1 10 ? 8.947   10.932  9.586   1.00 66.50  ? 10  DA  B N1    1 
ATOM   421 C  C2    . DA  B 1 10 ? 8.569   10.493  10.797  1.00 67.26  ? 10  DA  B C2    1 
ATOM   422 N  N3    . DA  B 1 10 ? 7.513   10.848  11.530  1.00 65.26  ? 10  DA  B N3    1 
ATOM   423 C  C4    . DA  B 1 10 ? 6.787   11.786  10.896  1.00 66.81  ? 10  DA  B C4    1 
ATOM   424 P  P     . DA  B 1 11 ? 3.208   13.840  16.402  1.00 101.39 ? 11  DA  B P     1 
ATOM   425 O  OP1   . DA  B 1 11 ? 1.990   13.560  17.207  1.00 100.28 ? 11  DA  B OP1   1 
ATOM   426 O  OP2   . DA  B 1 11 ? 3.341   15.153  15.699  1.00 92.36  ? 11  DA  B OP2   1 
ATOM   427 O  "O5'" . DA  B 1 11 ? 4.490   13.622  17.325  1.00 99.26  ? 11  DA  B "O5'" 1 
ATOM   428 C  "C5'" . DA  B 1 11 ? 5.263   12.400  17.309  1.00 101.47 ? 11  DA  B "C5'" 1 
ATOM   429 C  "C4'" . DA  B 1 11 ? 6.742   12.716  17.246  1.00 104.45 ? 11  DA  B "C4'" 1 
ATOM   430 O  "O4'" . DA  B 1 11 ? 7.118   13.042  15.884  1.00 102.21 ? 11  DA  B "O4'" 1 
ATOM   431 C  "C3'" . DA  B 1 11 ? 7.188   13.911  18.097  1.00 106.96 ? 11  DA  B "C3'" 1 
ATOM   432 O  "O3'" . DA  B 1 11 ? 8.520   13.728  18.594  1.00 107.42 ? 11  DA  B "O3'" 1 
ATOM   433 C  "C2'" . DA  B 1 11 ? 7.204   15.052  17.100  1.00 105.23 ? 11  DA  B "C2'" 1 
ATOM   434 C  "C1'" . DA  B 1 11 ? 7.737   14.323  15.880  1.00 102.73 ? 11  DA  B "C1'" 1 
ATOM   435 N  N9    . DA  B 1 11 ? 7.507   14.952  14.576  1.00 97.90  ? 11  DA  B N9    1 
ATOM   436 C  C8    . DA  B 1 11 ? 6.654   15.955  14.173  1.00 92.74  ? 11  DA  B C8    1 
ATOM   437 N  N7    . DA  B 1 11 ? 6.784   16.280  12.908  1.00 83.45  ? 11  DA  B N7    1 
ATOM   438 C  C5    . DA  B 1 11 ? 7.803   15.452  12.455  1.00 83.95  ? 11  DA  B C5    1 
ATOM   439 C  C6    . DA  B 1 11 ? 8.420   15.307  11.202  1.00 81.53  ? 11  DA  B C6    1 
ATOM   440 N  N6    . DA  B 1 11 ? 8.085   16.022  10.124  1.00 78.36  ? 11  DA  B N6    1 
ATOM   441 N  N1    . DA  B 1 11 ? 9.405   14.386  11.090  1.00 81.65  ? 11  DA  B N1    1 
ATOM   442 C  C2    . DA  B 1 11 ? 9.741   13.666  12.175  1.00 82.42  ? 11  DA  B C2    1 
ATOM   443 N  N3    . DA  B 1 11 ? 9.234   13.712  13.402  1.00 79.81  ? 11  DA  B N3    1 
ATOM   444 C  C4    . DA  B 1 11 ? 8.260   14.635  13.475  1.00 86.87  ? 11  DA  B C4    1 
HETATM 445 BA BA    . BA  C 2 .  ? -2.991  -2.897  -1.246  0.50 65.26  ? 101 BA  A BA    1 
HETATM 446 O  O     . HOH D 3 .  ? 1.243   -0.496  7.022   1.00 55.23  ? 201 HOH A O     1 
# 
loop_
_pdbx_poly_seq_scheme.asym_id 
_pdbx_poly_seq_scheme.entity_id 
_pdbx_poly_seq_scheme.seq_id 
_pdbx_poly_seq_scheme.mon_id 
_pdbx_poly_seq_scheme.ndb_seq_num 
_pdbx_poly_seq_scheme.pdb_seq_num 
_pdbx_poly_seq_scheme.auth_seq_num 
_pdbx_poly_seq_scheme.pdb_mon_id 
_pdbx_poly_seq_scheme.auth_mon_id 
_pdbx_poly_seq_scheme.pdb_strand_id 
_pdbx_poly_seq_scheme.pdb_ins_code 
_pdbx_poly_seq_scheme.hetero 
A 1 1  DC 1  1  1  DC DC A . n 
A 1 2  DC 2  2  2  DC DC A . n 
A 1 3  DA 3  3  3  DA DA A . n 
A 1 4  DG 4  4  4  DG DG A . n 
A 1 5  DG 5  5  5  DG DG A . n 
A 1 6  DC 6  6  6  DC DC A . n 
A 1 7  DT 7  7  7  DT DT A . n 
A 1 8  DG 8  8  8  DG DG A . n 
A 1 9  DC 9  9  9  DC DC A . n 
A 1 10 DA 10 10 10 DA DA A . n 
A 1 11 DA 11 11 11 DA DA A . n 
B 1 1  DC 1  1  1  DC DC B . n 
B 1 2  DC 2  2  2  DC DC B . n 
B 1 3  DA 3  3  3  DA DA B . n 
B 1 4  DG 4  4  4  DG DG B . n 
B 1 5  DG 5  5  5  DG DG B . n 
B 1 6  DC 6  6  6  DC DC B . n 
B 1 7  DT 7  7  7  DT DT B . n 
B 1 8  DG 8  8  8  DG DG B . n 
B 1 9  DC 9  9  9  DC DC B . n 
B 1 10 DA 10 10 10 DA DA B . n 
B 1 11 DA 11 11 11 DA DA B . n 
# 
loop_
_pdbx_nonpoly_scheme.asym_id 
_pdbx_nonpoly_scheme.entity_id 
_pdbx_nonpoly_scheme.mon_id 
_pdbx_nonpoly_scheme.ndb_seq_num 
_pdbx_nonpoly_scheme.pdb_seq_num 
_pdbx_nonpoly_scheme.auth_seq_num 
_pdbx_nonpoly_scheme.pdb_mon_id 
_pdbx_nonpoly_scheme.auth_mon_id 
_pdbx_nonpoly_scheme.pdb_strand_id 
_pdbx_nonpoly_scheme.pdb_ins_code 
C 2 BA  1 101 1 BA  BA  A . 
D 3 HOH 1 201 1 HOH HOH A . 
# 
_pdbx_struct_assembly.id                   1 
_pdbx_struct_assembly.details              author_defined_assembly 
_pdbx_struct_assembly.method_details       ? 
_pdbx_struct_assembly.oligomeric_details   tetrameric 
_pdbx_struct_assembly.oligomeric_count     4 
# 
loop_
_pdbx_struct_assembly_gen.assembly_id 
_pdbx_struct_assembly_gen.oper_expression 
_pdbx_struct_assembly_gen.asym_id_list 
1 1 A,B,C,D 
1 2 A,B,C,D 
# 
loop_
_pdbx_struct_oper_list.id 
_pdbx_struct_oper_list.type 
_pdbx_struct_oper_list.name 
_pdbx_struct_oper_list.symmetry_operation 
_pdbx_struct_oper_list.matrix[1][1] 
_pdbx_struct_oper_list.matrix[1][2] 
_pdbx_struct_oper_list.matrix[1][3] 
_pdbx_struct_oper_list.vector[1] 
_pdbx_struct_oper_list.matrix[2][1] 
_pdbx_struct_oper_list.matrix[2][2] 
_pdbx_struct_oper_list.matrix[2][3] 
_pdbx_struct_oper_list.vector[2] 
_pdbx_struct_oper_list.matrix[3][1] 
_pdbx_struct_oper_list.matrix[3][2] 
_pdbx_struct_oper_list.matrix[3][3] 
_pdbx_struct_oper_list.vector[3] 
1 'identity operation'         1_555 x,y,z  1.0000000000 0.0000000000  0.0000000000  0.0000000000  0.0000000000  1.0000000000  0.0000000000 0.0000000000  0.0000000000  0.0000000000 1.0000000000  0.0000000000  
2 'crystal symmetry operation' 4_555 y,x,-z 0.4643186049 -0.3079116150 -0.8304207792 -3.5288809631 -0.3079116150 -0.9352534603 0.1746178751 -6.3100419259 -0.8304207792 0.1746178751 -0.5290651445 -3.8829361327 
# 
_pdbx_struct_special_symmetry.id              1 
_pdbx_struct_special_symmetry.PDB_model_num   1 
_pdbx_struct_special_symmetry.auth_asym_id    A 
_pdbx_struct_special_symmetry.auth_comp_id    BA 
_pdbx_struct_special_symmetry.auth_seq_id     101 
_pdbx_struct_special_symmetry.PDB_ins_code    ? 
_pdbx_struct_special_symmetry.label_asym_id   C 
_pdbx_struct_special_symmetry.label_comp_id   BA 
_pdbx_struct_special_symmetry.label_seq_id    . 
# 
loop_
_pdbx_struct_conn_angle.id 
_pdbx_struct_conn_angle.ptnr1_label_atom_id 
_pdbx_struct_conn_angle.ptnr1_label_alt_id 
_pdbx_struct_conn_angle.ptnr1_label_asym_id 
_pdbx_struct_conn_angle.ptnr1_label_comp_id 
_pdbx_struct_conn_angle.ptnr1_label_seq_id 
_pdbx_struct_conn_angle.ptnr1_auth_atom_id 
_pdbx_struct_conn_angle.ptnr1_auth_asym_id 
_pdbx_struct_conn_angle.ptnr1_auth_comp_id 
_pdbx_struct_conn_angle.ptnr1_auth_seq_id 
_pdbx_struct_conn_angle.ptnr1_PDB_ins_code 
_pdbx_struct_conn_angle.ptnr1_symmetry 
_pdbx_struct_conn_angle.ptnr2_label_atom_id 
_pdbx_struct_conn_angle.ptnr2_label_alt_id 
_pdbx_struct_conn_angle.ptnr2_label_asym_id 
_pdbx_struct_conn_angle.ptnr2_label_comp_id 
_pdbx_struct_conn_angle.ptnr2_label_seq_id 
_pdbx_struct_conn_angle.ptnr2_auth_atom_id 
_pdbx_struct_conn_angle.ptnr2_auth_asym_id 
_pdbx_struct_conn_angle.ptnr2_auth_comp_id 
_pdbx_struct_conn_angle.ptnr2_auth_seq_id 
_pdbx_struct_conn_angle.ptnr2_PDB_ins_code 
_pdbx_struct_conn_angle.ptnr2_symmetry 
_pdbx_struct_conn_angle.ptnr3_label_atom_id 
_pdbx_struct_conn_angle.ptnr3_label_alt_id 
_pdbx_struct_conn_angle.ptnr3_label_asym_id 
_pdbx_struct_conn_angle.ptnr3_label_comp_id 
_pdbx_struct_conn_angle.ptnr3_label_seq_id 
_pdbx_struct_conn_angle.ptnr3_auth_atom_id 
_pdbx_struct_conn_angle.ptnr3_auth_asym_id 
_pdbx_struct_conn_angle.ptnr3_auth_comp_id 
_pdbx_struct_conn_angle.ptnr3_auth_seq_id 
_pdbx_struct_conn_angle.ptnr3_PDB_ins_code 
_pdbx_struct_conn_angle.ptnr3_symmetry 
_pdbx_struct_conn_angle.value 
_pdbx_struct_conn_angle.value_esd 
1  O6 ? A DG 4 ? A DG 4 ? 1_555 BA ? C BA . ? A BA 101 ? 1_555 O6 ? A DG 4 ? A DG 4 ? 1_555 0.0   ? 
2  O6 ? A DG 4 ? A DG 4 ? 1_555 BA ? C BA . ? A BA 101 ? 1_555 O6 ? A DG 5 ? A DG 5 ? 1_555 66.9  ? 
3  O6 ? A DG 4 ? A DG 4 ? 1_555 BA ? C BA . ? A BA 101 ? 1_555 O6 ? A DG 5 ? A DG 5 ? 1_555 66.9  ? 
4  O6 ? A DG 4 ? A DG 4 ? 1_555 BA ? C BA . ? A BA 101 ? 1_555 O6 ? A DG 5 ? A DG 5 ? 1_555 66.9  ? 
5  O6 ? A DG 4 ? A DG 4 ? 1_555 BA ? C BA . ? A BA 101 ? 1_555 O6 ? A DG 5 ? A DG 5 ? 1_555 66.9  ? 
6  O6 ? A DG 5 ? A DG 5 ? 1_555 BA ? C BA . ? A BA 101 ? 1_555 O6 ? A DG 5 ? A DG 5 ? 1_555 0.0   ? 
7  O6 ? A DG 4 ? A DG 4 ? 1_555 BA ? C BA . ? A BA 101 ? 1_555 O6 ? B DG 4 ? B DG 4 ? 1_555 112.7 ? 
8  O6 ? A DG 4 ? A DG 4 ? 1_555 BA ? C BA . ? A BA 101 ? 1_555 O6 ? B DG 4 ? B DG 4 ? 1_555 112.7 ? 
9  O6 ? A DG 5 ? A DG 5 ? 1_555 BA ? C BA . ? A BA 101 ? 1_555 O6 ? B DG 4 ? B DG 4 ? 1_555 171.6 ? 
10 O6 ? A DG 5 ? A DG 5 ? 1_555 BA ? C BA . ? A BA 101 ? 1_555 O6 ? B DG 4 ? B DG 4 ? 1_555 171.6 ? 
11 O6 ? A DG 4 ? A DG 4 ? 1_555 BA ? C BA . ? A BA 101 ? 1_555 O6 ? B DG 4 ? B DG 4 ? 1_555 112.7 ? 
12 O6 ? A DG 4 ? A DG 4 ? 1_555 BA ? C BA . ? A BA 101 ? 1_555 O6 ? B DG 4 ? B DG 4 ? 1_555 112.7 ? 
13 O6 ? A DG 5 ? A DG 5 ? 1_555 BA ? C BA . ? A BA 101 ? 1_555 O6 ? B DG 4 ? B DG 4 ? 1_555 171.6 ? 
14 O6 ? A DG 5 ? A DG 5 ? 1_555 BA ? C BA . ? A BA 101 ? 1_555 O6 ? B DG 4 ? B DG 4 ? 1_555 171.6 ? 
15 O6 ? B DG 4 ? B DG 4 ? 1_555 BA ? C BA . ? A BA 101 ? 1_555 O6 ? B DG 4 ? B DG 4 ? 1_555 0.0   ? 
16 O6 ? A DG 4 ? A DG 4 ? 1_555 BA ? C BA . ? A BA 101 ? 1_555 O6 ? B DG 5 ? B DG 5 ? 1_555 167.8 ? 
17 O6 ? A DG 4 ? A DG 4 ? 1_555 BA ? C BA . ? A BA 101 ? 1_555 O6 ? B DG 5 ? B DG 5 ? 1_555 167.8 ? 
18 O6 ? A DG 5 ? A DG 5 ? 1_555 BA ? C BA . ? A BA 101 ? 1_555 O6 ? B DG 5 ? B DG 5 ? 1_555 111.6 ? 
19 O6 ? A DG 5 ? A DG 5 ? 1_555 BA ? C BA . ? A BA 101 ? 1_555 O6 ? B DG 5 ? B DG 5 ? 1_555 111.6 ? 
20 O6 ? B DG 4 ? B DG 4 ? 1_555 BA ? C BA . ? A BA 101 ? 1_555 O6 ? B DG 5 ? B DG 5 ? 1_555 70.7  ? 
21 O6 ? B DG 4 ? B DG 4 ? 1_555 BA ? C BA . ? A BA 101 ? 1_555 O6 ? B DG 5 ? B DG 5 ? 1_555 70.7  ? 
22 O6 ? A DG 4 ? A DG 4 ? 1_555 BA ? C BA . ? A BA 101 ? 1_555 O6 ? B DG 5 ? B DG 5 ? 1_555 167.8 ? 
23 O6 ? A DG 4 ? A DG 4 ? 1_555 BA ? C BA . ? A BA 101 ? 1_555 O6 ? B DG 5 ? B DG 5 ? 1_555 167.8 ? 
24 O6 ? A DG 5 ? A DG 5 ? 1_555 BA ? C BA . ? A BA 101 ? 1_555 O6 ? B DG 5 ? B DG 5 ? 1_555 111.6 ? 
25 O6 ? A DG 5 ? A DG 5 ? 1_555 BA ? C BA . ? A BA 101 ? 1_555 O6 ? B DG 5 ? B DG 5 ? 1_555 111.6 ? 
26 O6 ? B DG 4 ? B DG 4 ? 1_555 BA ? C BA . ? A BA 101 ? 1_555 O6 ? B DG 5 ? B DG 5 ? 1_555 70.7  ? 
27 O6 ? B DG 4 ? B DG 4 ? 1_555 BA ? C BA . ? A BA 101 ? 1_555 O6 ? B DG 5 ? B DG 5 ? 1_555 70.7  ? 
28 O6 ? B DG 5 ? B DG 5 ? 1_555 BA ? C BA . ? A BA 101 ? 1_555 O6 ? B DG 5 ? B DG 5 ? 1_555 0.0   ? 
# 
loop_
_pdbx_audit_revision_history.ordinal 
_pdbx_audit_revision_history.data_content_type 
_pdbx_audit_revision_history.major_revision 
_pdbx_audit_revision_history.minor_revision 
_pdbx_audit_revision_history.revision_date 
1 'Structure model' 1 0 2019-10-16 
2 'Structure model' 1 1 2019-11-27 
3 'Structure model' 1 2 2019-12-25 
4 'Structure model' 1 3 2023-10-11 
# 
_pdbx_audit_revision_details.ordinal             1 
_pdbx_audit_revision_details.revision_ordinal    1 
_pdbx_audit_revision_details.data_content_type   'Structure model' 
_pdbx_audit_revision_details.provider            repository 
_pdbx_audit_revision_details.type                'Initial release' 
_pdbx_audit_revision_details.description         ? 
_pdbx_audit_revision_details.details             ? 
# 
loop_
_pdbx_audit_revision_group.ordinal 
_pdbx_audit_revision_group.revision_ordinal 
_pdbx_audit_revision_group.data_content_type 
_pdbx_audit_revision_group.group 
1 2 'Structure model' 'Author supporting evidence' 
2 2 'Structure model' 'Database references'        
3 3 'Structure model' 'Database references'        
4 4 'Structure model' 'Data collection'            
5 4 'Structure model' 'Database references'        
6 4 'Structure model' 'Derived calculations'       
7 4 'Structure model' 'Refinement description'     
# 
loop_
_pdbx_audit_revision_category.ordinal 
_pdbx_audit_revision_category.revision_ordinal 
_pdbx_audit_revision_category.data_content_type 
_pdbx_audit_revision_category.category 
1  2 'Structure model' citation                      
2  2 'Structure model' citation_author               
3  2 'Structure model' pdbx_audit_support            
4  3 'Structure model' citation                      
5  4 'Structure model' chem_comp_atom                
6  4 'Structure model' chem_comp_bond                
7  4 'Structure model' database_2                    
8  4 'Structure model' pdbx_initial_refinement_model 
9  4 'Structure model' pdbx_struct_conn_angle        
10 4 'Structure model' struct_conn                   
# 
loop_
_pdbx_audit_revision_item.ordinal 
_pdbx_audit_revision_item.revision_ordinal 
_pdbx_audit_revision_item.data_content_type 
_pdbx_audit_revision_item.item 
1  2 'Structure model' '_citation.country'                           
2  2 'Structure model' '_citation.journal_abbrev'                    
3  2 'Structure model' '_citation.journal_id_ASTM'                   
4  2 'Structure model' '_citation.journal_id_CSD'                    
5  2 'Structure model' '_citation.journal_id_ISSN'                   
6  2 'Structure model' '_citation.pdbx_database_id_DOI'              
7  2 'Structure model' '_citation.pdbx_database_id_PubMed'           
8  2 'Structure model' '_citation.year'                              
9  2 'Structure model' '_citation_author.identifier_ORCID'           
10 2 'Structure model' '_pdbx_audit_support.funding_organization'    
11 3 'Structure model' '_citation.journal_volume'                    
12 3 'Structure model' '_citation.page_first'                        
13 3 'Structure model' '_citation.page_last'                         
14 4 'Structure model' '_database_2.pdbx_DOI'                        
15 4 'Structure model' '_database_2.pdbx_database_accession'         
16 4 'Structure model' '_pdbx_struct_conn_angle.ptnr1_auth_asym_id'  
17 4 'Structure model' '_pdbx_struct_conn_angle.ptnr1_auth_seq_id'   
18 4 'Structure model' '_pdbx_struct_conn_angle.ptnr1_label_asym_id' 
19 4 'Structure model' '_pdbx_struct_conn_angle.ptnr1_label_seq_id'  
20 4 'Structure model' '_pdbx_struct_conn_angle.ptnr3_auth_asym_id'  
21 4 'Structure model' '_pdbx_struct_conn_angle.ptnr3_auth_seq_id'   
22 4 'Structure model' '_pdbx_struct_conn_angle.ptnr3_label_asym_id' 
23 4 'Structure model' '_pdbx_struct_conn_angle.ptnr3_label_seq_id'  
24 4 'Structure model' '_pdbx_struct_conn_angle.value'               
25 4 'Structure model' '_struct_conn.pdbx_dist_value'                
26 4 'Structure model' '_struct_conn.ptnr1_auth_asym_id'             
27 4 'Structure model' '_struct_conn.ptnr1_auth_comp_id'             
28 4 'Structure model' '_struct_conn.ptnr1_auth_seq_id'              
29 4 'Structure model' '_struct_conn.ptnr1_label_asym_id'            
30 4 'Structure model' '_struct_conn.ptnr1_label_atom_id'            
31 4 'Structure model' '_struct_conn.ptnr1_label_comp_id'            
32 4 'Structure model' '_struct_conn.ptnr1_label_seq_id'             
33 4 'Structure model' '_struct_conn.ptnr1_symmetry'                 
34 4 'Structure model' '_struct_conn.ptnr2_auth_asym_id'             
35 4 'Structure model' '_struct_conn.ptnr2_auth_comp_id'             
36 4 'Structure model' '_struct_conn.ptnr2_auth_seq_id'              
37 4 'Structure model' '_struct_conn.ptnr2_label_asym_id'            
38 4 'Structure model' '_struct_conn.ptnr2_label_atom_id'            
39 4 'Structure model' '_struct_conn.ptnr2_label_comp_id'            
40 4 'Structure model' '_struct_conn.ptnr2_label_seq_id'             
41 4 'Structure model' '_struct_conn.ptnr2_symmetry'                 
# 
loop_
_software.citation_id 
_software.classification 
_software.compiler_name 
_software.compiler_version 
_software.contact_author 
_software.contact_author_email 
_software.date 
_software.description 
_software.dependencies 
_software.hardware 
_software.language 
_software.location 
_software.mods 
_software.name 
_software.os 
_software.os_version 
_software.type 
_software.version 
_software.pdbx_ordinal 
? refinement        ? ? ? ? ? ? ? ? ? ? ? REFMAC      ? ? ? 5.8.0253 1 
? 'data scaling'    ? ? ? ? ? ? ? ? ? ? ? Aimless     ? ? ? 0.7.4    2 
? 'data extraction' ? ? ? ? ? ? ? ? ? ? ? PDB_EXTRACT ? ? ? 3.25     3 
? 'data reduction'  ? ? ? ? ? ? ? ? ? ? ? XDS         ? ? ? .        4 
? phasing           ? ? ? ? ? ? ? ? ? ? ? SHELXCD     ? ? ? .        5 
# 
_pdbx_entry_details.entry_id                 6TZQ 
_pdbx_entry_details.nonpolymer_details       ? 
_pdbx_entry_details.sequence_details         ? 
_pdbx_entry_details.compound_details         ? 
_pdbx_entry_details.source_details           ? 
_pdbx_entry_details.has_ligand_of_interest   N 
# 
loop_
_chem_comp_atom.comp_id 
_chem_comp_atom.atom_id 
_chem_comp_atom.type_symbol 
_chem_comp_atom.pdbx_aromatic_flag 
_chem_comp_atom.pdbx_stereo_config 
_chem_comp_atom.pdbx_ordinal 
BA  BA     BA N N 1   
DA  OP3    O  N N 2   
DA  P      P  N N 3   
DA  OP1    O  N N 4   
DA  OP2    O  N N 5   
DA  "O5'"  O  N N 6   
DA  "C5'"  C  N N 7   
DA  "C4'"  C  N R 8   
DA  "O4'"  O  N N 9   
DA  "C3'"  C  N S 10  
DA  "O3'"  O  N N 11  
DA  "C2'"  C  N N 12  
DA  "C1'"  C  N R 13  
DA  N9     N  Y N 14  
DA  C8     C  Y N 15  
DA  N7     N  Y N 16  
DA  C5     C  Y N 17  
DA  C6     C  Y N 18  
DA  N6     N  N N 19  
DA  N1     N  Y N 20  
DA  C2     C  Y N 21  
DA  N3     N  Y N 22  
DA  C4     C  Y N 23  
DA  HOP3   H  N N 24  
DA  HOP2   H  N N 25  
DA  "H5'"  H  N N 26  
DA  "H5''" H  N N 27  
DA  "H4'"  H  N N 28  
DA  "H3'"  H  N N 29  
DA  "HO3'" H  N N 30  
DA  "H2'"  H  N N 31  
DA  "H2''" H  N N 32  
DA  "H1'"  H  N N 33  
DA  H8     H  N N 34  
DA  H61    H  N N 35  
DA  H62    H  N N 36  
DA  H2     H  N N 37  
DC  OP3    O  N N 38  
DC  P      P  N N 39  
DC  OP1    O  N N 40  
DC  OP2    O  N N 41  
DC  "O5'"  O  N N 42  
DC  "C5'"  C  N N 43  
DC  "C4'"  C  N R 44  
DC  "O4'"  O  N N 45  
DC  "C3'"  C  N S 46  
DC  "O3'"  O  N N 47  
DC  "C2'"  C  N N 48  
DC  "C1'"  C  N R 49  
DC  N1     N  N N 50  
DC  C2     C  N N 51  
DC  O2     O  N N 52  
DC  N3     N  N N 53  
DC  C4     C  N N 54  
DC  N4     N  N N 55  
DC  C5     C  N N 56  
DC  C6     C  N N 57  
DC  HOP3   H  N N 58  
DC  HOP2   H  N N 59  
DC  "H5'"  H  N N 60  
DC  "H5''" H  N N 61  
DC  "H4'"  H  N N 62  
DC  "H3'"  H  N N 63  
DC  "HO3'" H  N N 64  
DC  "H2'"  H  N N 65  
DC  "H2''" H  N N 66  
DC  "H1'"  H  N N 67  
DC  H41    H  N N 68  
DC  H42    H  N N 69  
DC  H5     H  N N 70  
DC  H6     H  N N 71  
DG  OP3    O  N N 72  
DG  P      P  N N 73  
DG  OP1    O  N N 74  
DG  OP2    O  N N 75  
DG  "O5'"  O  N N 76  
DG  "C5'"  C  N N 77  
DG  "C4'"  C  N R 78  
DG  "O4'"  O  N N 79  
DG  "C3'"  C  N S 80  
DG  "O3'"  O  N N 81  
DG  "C2'"  C  N N 82  
DG  "C1'"  C  N R 83  
DG  N9     N  Y N 84  
DG  C8     C  Y N 85  
DG  N7     N  Y N 86  
DG  C5     C  Y N 87  
DG  C6     C  N N 88  
DG  O6     O  N N 89  
DG  N1     N  N N 90  
DG  C2     C  N N 91  
DG  N2     N  N N 92  
DG  N3     N  N N 93  
DG  C4     C  Y N 94  
DG  HOP3   H  N N 95  
DG  HOP2   H  N N 96  
DG  "H5'"  H  N N 97  
DG  "H5''" H  N N 98  
DG  "H4'"  H  N N 99  
DG  "H3'"  H  N N 100 
DG  "HO3'" H  N N 101 
DG  "H2'"  H  N N 102 
DG  "H2''" H  N N 103 
DG  "H1'"  H  N N 104 
DG  H8     H  N N 105 
DG  H1     H  N N 106 
DG  H21    H  N N 107 
DG  H22    H  N N 108 
DT  OP3    O  N N 109 
DT  P      P  N N 110 
DT  OP1    O  N N 111 
DT  OP2    O  N N 112 
DT  "O5'"  O  N N 113 
DT  "C5'"  C  N N 114 
DT  "C4'"  C  N R 115 
DT  "O4'"  O  N N 116 
DT  "C3'"  C  N S 117 
DT  "O3'"  O  N N 118 
DT  "C2'"  C  N N 119 
DT  "C1'"  C  N R 120 
DT  N1     N  N N 121 
DT  C2     C  N N 122 
DT  O2     O  N N 123 
DT  N3     N  N N 124 
DT  C4     C  N N 125 
DT  O4     O  N N 126 
DT  C5     C  N N 127 
DT  C7     C  N N 128 
DT  C6     C  N N 129 
DT  HOP3   H  N N 130 
DT  HOP2   H  N N 131 
DT  "H5'"  H  N N 132 
DT  "H5''" H  N N 133 
DT  "H4'"  H  N N 134 
DT  "H3'"  H  N N 135 
DT  "HO3'" H  N N 136 
DT  "H2'"  H  N N 137 
DT  "H2''" H  N N 138 
DT  "H1'"  H  N N 139 
DT  H3     H  N N 140 
DT  H71    H  N N 141 
DT  H72    H  N N 142 
DT  H73    H  N N 143 
DT  H6     H  N N 144 
HOH O      O  N N 145 
HOH H1     H  N N 146 
HOH H2     H  N N 147 
# 
loop_
_chem_comp_bond.comp_id 
_chem_comp_bond.atom_id_1 
_chem_comp_bond.atom_id_2 
_chem_comp_bond.value_order 
_chem_comp_bond.pdbx_aromatic_flag 
_chem_comp_bond.pdbx_stereo_config 
_chem_comp_bond.pdbx_ordinal 
DA  OP3   P      sing N N 1   
DA  OP3   HOP3   sing N N 2   
DA  P     OP1    doub N N 3   
DA  P     OP2    sing N N 4   
DA  P     "O5'"  sing N N 5   
DA  OP2   HOP2   sing N N 6   
DA  "O5'" "C5'"  sing N N 7   
DA  "C5'" "C4'"  sing N N 8   
DA  "C5'" "H5'"  sing N N 9   
DA  "C5'" "H5''" sing N N 10  
DA  "C4'" "O4'"  sing N N 11  
DA  "C4'" "C3'"  sing N N 12  
DA  "C4'" "H4'"  sing N N 13  
DA  "O4'" "C1'"  sing N N 14  
DA  "C3'" "O3'"  sing N N 15  
DA  "C3'" "C2'"  sing N N 16  
DA  "C3'" "H3'"  sing N N 17  
DA  "O3'" "HO3'" sing N N 18  
DA  "C2'" "C1'"  sing N N 19  
DA  "C2'" "H2'"  sing N N 20  
DA  "C2'" "H2''" sing N N 21  
DA  "C1'" N9     sing N N 22  
DA  "C1'" "H1'"  sing N N 23  
DA  N9    C8     sing Y N 24  
DA  N9    C4     sing Y N 25  
DA  C8    N7     doub Y N 26  
DA  C8    H8     sing N N 27  
DA  N7    C5     sing Y N 28  
DA  C5    C6     sing Y N 29  
DA  C5    C4     doub Y N 30  
DA  C6    N6     sing N N 31  
DA  C6    N1     doub Y N 32  
DA  N6    H61    sing N N 33  
DA  N6    H62    sing N N 34  
DA  N1    C2     sing Y N 35  
DA  C2    N3     doub Y N 36  
DA  C2    H2     sing N N 37  
DA  N3    C4     sing Y N 38  
DC  OP3   P      sing N N 39  
DC  OP3   HOP3   sing N N 40  
DC  P     OP1    doub N N 41  
DC  P     OP2    sing N N 42  
DC  P     "O5'"  sing N N 43  
DC  OP2   HOP2   sing N N 44  
DC  "O5'" "C5'"  sing N N 45  
DC  "C5'" "C4'"  sing N N 46  
DC  "C5'" "H5'"  sing N N 47  
DC  "C5'" "H5''" sing N N 48  
DC  "C4'" "O4'"  sing N N 49  
DC  "C4'" "C3'"  sing N N 50  
DC  "C4'" "H4'"  sing N N 51  
DC  "O4'" "C1'"  sing N N 52  
DC  "C3'" "O3'"  sing N N 53  
DC  "C3'" "C2'"  sing N N 54  
DC  "C3'" "H3'"  sing N N 55  
DC  "O3'" "HO3'" sing N N 56  
DC  "C2'" "C1'"  sing N N 57  
DC  "C2'" "H2'"  sing N N 58  
DC  "C2'" "H2''" sing N N 59  
DC  "C1'" N1     sing N N 60  
DC  "C1'" "H1'"  sing N N 61  
DC  N1    C2     sing N N 62  
DC  N1    C6     sing N N 63  
DC  C2    O2     doub N N 64  
DC  C2    N3     sing N N 65  
DC  N3    C4     doub N N 66  
DC  C4    N4     sing N N 67  
DC  C4    C5     sing N N 68  
DC  N4    H41    sing N N 69  
DC  N4    H42    sing N N 70  
DC  C5    C6     doub N N 71  
DC  C5    H5     sing N N 72  
DC  C6    H6     sing N N 73  
DG  OP3   P      sing N N 74  
DG  OP3   HOP3   sing N N 75  
DG  P     OP1    doub N N 76  
DG  P     OP2    sing N N 77  
DG  P     "O5'"  sing N N 78  
DG  OP2   HOP2   sing N N 79  
DG  "O5'" "C5'"  sing N N 80  
DG  "C5'" "C4'"  sing N N 81  
DG  "C5'" "H5'"  sing N N 82  
DG  "C5'" "H5''" sing N N 83  
DG  "C4'" "O4'"  sing N N 84  
DG  "C4'" "C3'"  sing N N 85  
DG  "C4'" "H4'"  sing N N 86  
DG  "O4'" "C1'"  sing N N 87  
DG  "C3'" "O3'"  sing N N 88  
DG  "C3'" "C2'"  sing N N 89  
DG  "C3'" "H3'"  sing N N 90  
DG  "O3'" "HO3'" sing N N 91  
DG  "C2'" "C1'"  sing N N 92  
DG  "C2'" "H2'"  sing N N 93  
DG  "C2'" "H2''" sing N N 94  
DG  "C1'" N9     sing N N 95  
DG  "C1'" "H1'"  sing N N 96  
DG  N9    C8     sing Y N 97  
DG  N9    C4     sing Y N 98  
DG  C8    N7     doub Y N 99  
DG  C8    H8     sing N N 100 
DG  N7    C5     sing Y N 101 
DG  C5    C6     sing N N 102 
DG  C5    C4     doub Y N 103 
DG  C6    O6     doub N N 104 
DG  C6    N1     sing N N 105 
DG  N1    C2     sing N N 106 
DG  N1    H1     sing N N 107 
DG  C2    N2     sing N N 108 
DG  C2    N3     doub N N 109 
DG  N2    H21    sing N N 110 
DG  N2    H22    sing N N 111 
DG  N3    C4     sing N N 112 
DT  OP3   P      sing N N 113 
DT  OP3   HOP3   sing N N 114 
DT  P     OP1    doub N N 115 
DT  P     OP2    sing N N 116 
DT  P     "O5'"  sing N N 117 
DT  OP2   HOP2   sing N N 118 
DT  "O5'" "C5'"  sing N N 119 
DT  "C5'" "C4'"  sing N N 120 
DT  "C5'" "H5'"  sing N N 121 
DT  "C5'" "H5''" sing N N 122 
DT  "C4'" "O4'"  sing N N 123 
DT  "C4'" "C3'"  sing N N 124 
DT  "C4'" "H4'"  sing N N 125 
DT  "O4'" "C1'"  sing N N 126 
DT  "C3'" "O3'"  sing N N 127 
DT  "C3'" "C2'"  sing N N 128 
DT  "C3'" "H3'"  sing N N 129 
DT  "O3'" "HO3'" sing N N 130 
DT  "C2'" "C1'"  sing N N 131 
DT  "C2'" "H2'"  sing N N 132 
DT  "C2'" "H2''" sing N N 133 
DT  "C1'" N1     sing N N 134 
DT  "C1'" "H1'"  sing N N 135 
DT  N1    C2     sing N N 136 
DT  N1    C6     sing N N 137 
DT  C2    O2     doub N N 138 
DT  C2    N3     sing N N 139 
DT  N3    C4     sing N N 140 
DT  N3    H3     sing N N 141 
DT  C4    O4     doub N N 142 
DT  C4    C5     sing N N 143 
DT  C5    C7     sing N N 144 
DT  C5    C6     doub N N 145 
DT  C7    H71    sing N N 146 
DT  C7    H72    sing N N 147 
DT  C7    H73    sing N N 148 
DT  C6    H6     sing N N 149 
HOH O     H1     sing N N 150 
HOH O     H2     sing N N 151 
# 
_ndb_struct_conf_na.entry_id   6TZQ 
_ndb_struct_conf_na.feature    'double helix' 
# 
loop_
_ndb_struct_na_base_pair.model_number 
_ndb_struct_na_base_pair.i_label_asym_id 
_ndb_struct_na_base_pair.i_label_comp_id 
_ndb_struct_na_base_pair.i_label_seq_id 
_ndb_struct_na_base_pair.i_symmetry 
_ndb_struct_na_base_pair.j_label_asym_id 
_ndb_struct_na_base_pair.j_label_comp_id 
_ndb_struct_na_base_pair.j_label_seq_id 
_ndb_struct_na_base_pair.j_symmetry 
_ndb_struct_na_base_pair.shear 
_ndb_struct_na_base_pair.stretch 
_ndb_struct_na_base_pair.stagger 
_ndb_struct_na_base_pair.buckle 
_ndb_struct_na_base_pair.propeller 
_ndb_struct_na_base_pair.opening 
_ndb_struct_na_base_pair.pair_number 
_ndb_struct_na_base_pair.pair_name 
_ndb_struct_na_base_pair.i_auth_asym_id 
_ndb_struct_na_base_pair.i_auth_seq_id 
_ndb_struct_na_base_pair.i_PDB_ins_code 
_ndb_struct_na_base_pair.j_auth_asym_id 
_ndb_struct_na_base_pair.j_auth_seq_id 
_ndb_struct_na_base_pair.j_PDB_ins_code 
_ndb_struct_na_base_pair.hbond_type_28 
_ndb_struct_na_base_pair.hbond_type_12 
1 A DC 1  1_555 B DC 1  1_555 -1.973 -1.504 0.042  2.236   0.027   -177.337 1  A_DC1:DC1_B   A 1  ? B 1  ? 15 2 
1 A DC 2  1_555 B DC 2  1_555 -2.039 -1.443 -0.160 0.229   3.412   -179.221 2  A_DC2:DC2_B   A 2  ? B 2  ? 15 2 
1 A DA 3  1_555 B DA 3  1_555 4.155  1.394  0.693  -8.050  10.394  -112.024 3  A_DA3:DA3_B   A 3  ? B 3  ? 5  4 
1 A DC 9  1_555 B DC 9  1_555 2.086  1.334  -0.008 -2.362  6.510   177.394  4  A_DC9:DC9_B   A 9  ? B 9  ? 15 2 
1 A DA 10 1_555 B DA 10 1_555 1.679  1.227  0.439  10.057  16.329  -173.865 5  A_DA10:DA10_B A 10 ? B 10 ? 1  2 
1 A DA 3  1_555 A DT 7  4_555 -4.103 -2.182 -0.826 3.702   -9.099  -95.450  6  A_DA3:DT7_A   A 3  ? A 7  ? 24 4 
1 A DG 4  1_555 A DG 5  4_555 1.527  3.416  0.415  -8.853  -6.059  -90.546  7  A_DG4:DG5_A   A 4  ? A 5  ? 6  3 
1 A DG 5  1_555 A DG 4  4_555 -1.527 -3.416 -0.415 8.853   6.059   90.546   8  A_DG5:DG4_A   A 5  ? A 4  ? 6  3 
1 A DT 7  1_555 A DA 3  4_555 4.103  -2.182 -0.826 -3.702  -9.099  -95.450  9  A_DT7:DA3_A   A 7  ? A 3  ? 24 4 
1 B DA 3  1_555 B DT 7  4_555 -3.644 9.983  -4.048 -33.661 -27.355 27.537   10 B_DA3:DT7_B   B 3  ? B 7  ? 24 4 
1 B DG 4  1_555 B DG 5  4_555 1.427  3.321  -0.117 2.907   1.190   -93.076  11 B_DG4:DG5_B   B 4  ? B 5  ? 6  3 
1 B DG 5  1_555 B DG 4  4_555 -1.427 -3.321 0.117  -2.907  -1.190  93.076   12 B_DG5:DG4_B   B 5  ? B 4  ? 6  3 
1 B DT 7  1_555 B DA 3  4_555 3.644  -9.983 4.048  33.661  27.355  -27.537  13 B_DT7:DA3_B   B 7  ? B 3  ? 24 4 
# 
loop_
_ndb_struct_na_base_pair_step.model_number 
_ndb_struct_na_base_pair_step.i_label_asym_id_1 
_ndb_struct_na_base_pair_step.i_label_comp_id_1 
_ndb_struct_na_base_pair_step.i_label_seq_id_1 
_ndb_struct_na_base_pair_step.i_symmetry_1 
_ndb_struct_na_base_pair_step.j_label_asym_id_1 
_ndb_struct_na_base_pair_step.j_label_comp_id_1 
_ndb_struct_na_base_pair_step.j_label_seq_id_1 
_ndb_struct_na_base_pair_step.j_symmetry_1 
_ndb_struct_na_base_pair_step.i_label_asym_id_2 
_ndb_struct_na_base_pair_step.i_label_comp_id_2 
_ndb_struct_na_base_pair_step.i_label_seq_id_2 
_ndb_struct_na_base_pair_step.i_symmetry_2 
_ndb_struct_na_base_pair_step.j_label_asym_id_2 
_ndb_struct_na_base_pair_step.j_label_comp_id_2 
_ndb_struct_na_base_pair_step.j_label_seq_id_2 
_ndb_struct_na_base_pair_step.j_symmetry_2 
_ndb_struct_na_base_pair_step.shift 
_ndb_struct_na_base_pair_step.slide 
_ndb_struct_na_base_pair_step.rise 
_ndb_struct_na_base_pair_step.tilt 
_ndb_struct_na_base_pair_step.roll 
_ndb_struct_na_base_pair_step.twist 
_ndb_struct_na_base_pair_step.x_displacement 
_ndb_struct_na_base_pair_step.y_displacement 
_ndb_struct_na_base_pair_step.helical_rise 
_ndb_struct_na_base_pair_step.inclination 
_ndb_struct_na_base_pair_step.tip 
_ndb_struct_na_base_pair_step.helical_twist 
_ndb_struct_na_base_pair_step.step_number 
_ndb_struct_na_base_pair_step.step_name 
_ndb_struct_na_base_pair_step.i_auth_asym_id_1 
_ndb_struct_na_base_pair_step.i_auth_seq_id_1 
_ndb_struct_na_base_pair_step.i_PDB_ins_code_1 
_ndb_struct_na_base_pair_step.j_auth_asym_id_1 
_ndb_struct_na_base_pair_step.j_auth_seq_id_1 
_ndb_struct_na_base_pair_step.j_PDB_ins_code_1 
_ndb_struct_na_base_pair_step.i_auth_asym_id_2 
_ndb_struct_na_base_pair_step.i_auth_seq_id_2 
_ndb_struct_na_base_pair_step.i_PDB_ins_code_2 
_ndb_struct_na_base_pair_step.j_auth_asym_id_2 
_ndb_struct_na_base_pair_step.j_auth_seq_id_2 
_ndb_struct_na_base_pair_step.j_PDB_ins_code_2 
1 A DC 1 1_555 B DC 1 1_555 A DC 2  1_555 B DC 2  1_555 -0.096 0.089  6.427  -1.361  -2.439   24.767   1.642  -0.577 6.384  -5.664 
3.159   24.921   1 AA_DC1DC2:DC2DC1_BB   A 1 ? B 1 ? A 2  ? B 2  ? 
1 A DC 2 1_555 B DC 2 1_555 A DA 3  1_555 B DA 3  1_555 -2.336 1.215  6.608  1.878   0.349    -35.594  -2.088 -3.261 6.706  -0.571 
3.069   -35.644  2 AA_DC2DA3:DA3DC2_BB   A 2 ? B 2 ? A 3  ? B 3  ? 
1 A DC 9 1_555 B DC 9 1_555 A DA 10 1_555 B DA 10 1_555 0.914  -1.191 6.706  10.987  -0.038   -159.851 0.605  0.522  6.690  0.019 
5.579   -159.945 3 AA_DC9DA10:DA10DC9_BB A 9 ? B 9 ? A 10 ? B 10 ? 
1 A DA 3 1_555 A DT 7 4_555 A DG 4  1_555 A DG 5  4_555 -3.208 -0.452 0.007  -19.633 174.263  43.302   -0.201 1.608  -0.081 88.584 
9.980   175.693  4 AA_DA3DG4:DG5DT7_AA   A 3 ? A 7 ? A 4  ? A 5  ? 
1 A DG 4 1_555 A DG 5 4_555 A DG 5  1_555 A DG 4  4_555 -1.124 -3.574 0.000  79.667  -147.337 180.000  -1.787 0.562  0.000  
-73.669 -39.833 180.000  5 AA_DG4DG5:DG4DG5_AA   A 4 ? A 5 ? A 5  ? A 4  ? 
1 A DG 5 1_555 A DG 4 4_555 A DT 7  1_555 A DA 3  4_555 -0.081 0.040  3.238  -4.307  1.710    -167.144 -0.023 -0.048 3.238  -0.860 
-2.167  -167.155 6 AA_DG5DT7:DA3DG4_AA   A 5 ? A 4 ? A 7  ? A 3  ? 
1 B DA 3 1_555 B DT 7 4_555 B DG 4  1_555 B DG 5  4_555 4.656  6.697  -4.301 -23.403 -2.707   64.350   5.818  -2.747 -5.756 -2.457 
21.245  68.089   7 BB_DA3DG4:DG5DT7_BB   B 3 ? B 7 ? B 4  ? B 5  ? 
1 B DG 4 1_555 B DG 5 4_555 B DG 5  1_555 B DG 4  4_555 -1.629 -3.628 0.000  83.904  -149.771 180.000  -1.814 0.815  0.000  
-74.885 -41.952 180.000  8 BB_DG4DG5:DG4DG5_BB   B 4 ? B 5 ? B 5  ? B 4  ? 
1 B DG 5 1_555 B DG 4 4_555 B DT 7  1_555 B DA 3  4_555 -4.656 -6.697 4.301  23.403  2.707    -64.350  5.818  -2.747 5.756  -2.457 
21.245  -68.089  9 BB_DG5DT7:DA3DG4_BB   B 5 ? B 4 ? B 7  ? B 3  ? 
# 
_pdbx_audit_support.funding_organization   'National Science Foundation (NSF, United States)' 
_pdbx_audit_support.country                'United States' 
_pdbx_audit_support.grant_number           1149665 
_pdbx_audit_support.ordinal                1 
# 
loop_
_pdbx_entity_nonpoly.entity_id 
_pdbx_entity_nonpoly.name 
_pdbx_entity_nonpoly.comp_id 
2 'BARIUM ION' BA  
3 water        HOH 
# 
_pdbx_initial_refinement_model.id               1 
_pdbx_initial_refinement_model.entity_id_list   ? 
_pdbx_initial_refinement_model.type             'experimental model' 
_pdbx_initial_refinement_model.source_name      PDB 
_pdbx_initial_refinement_model.accession_code   6TZR 
_pdbx_initial_refinement_model.details          ? 
# 
_pdbx_struct_assembly_auth_evidence.id                     1 
_pdbx_struct_assembly_auth_evidence.assembly_id            1 
_pdbx_struct_assembly_auth_evidence.experimental_support   none 
_pdbx_struct_assembly_auth_evidence.details                ? 
# 
